data_2I5A
# 
_entry.id   2I5A 
# 
_audit_conform.dict_name       mmcif_pdbx.dic 
_audit_conform.dict_version    5.377 
_audit_conform.dict_location   http://mmcif.pdb.org/dictionaries/ascii/mmcif_pdbx.dic 
# 
loop_
_database_2.database_id 
_database_2.database_code 
_database_2.pdbx_database_accession 
_database_2.pdbx_DOI 
PDB   2I5A         pdb_00002i5a 10.2210/pdb2i5a/pdb 
NDB   DD0085       ?            ?                   
RCSB  RCSB039154   ?            ?                   
WWPDB D_1000039154 ?            ?                   
# 
_pdbx_database_status.status_code                     REL 
_pdbx_database_status.entry_id                        2I5A 
_pdbx_database_status.recvd_initial_deposition_date   2006-08-24 
_pdbx_database_status.deposit_site                    RCSB 
_pdbx_database_status.process_site                    RCSB 
_pdbx_database_status.status_code_sf                  REL 
_pdbx_database_status.status_code_mr                  ? 
_pdbx_database_status.SG_entry                        ? 
_pdbx_database_status.pdb_format_compatible           Y 
_pdbx_database_status.status_code_cs                  ? 
_pdbx_database_status.methods_development_category    ? 
_pdbx_database_status.status_code_nmr_data            ? 
# 
loop_
_audit_author.name 
_audit_author.pdbx_ordinal 
'Neidle, S.'  1 
'Lee, M.P.H.' 2 
# 
_citation.id                        primary 
_citation.title                     'Crystal structure of a DB1055-D(CGCGAATTCGCG)2 complex' 
_citation.journal_abbrev            'To be Published' 
_citation.journal_volume            ? 
_citation.page_first                ? 
_citation.page_last                 ? 
_citation.year                      ? 
_citation.journal_id_ASTM           ? 
_citation.country                   ? 
_citation.journal_id_ISSN           ? 
_citation.journal_id_CSD            0353 
_citation.book_publisher            ? 
_citation.pdbx_database_id_PubMed   ? 
_citation.pdbx_database_id_DOI      ? 
# 
loop_
_citation_author.citation_id 
_citation_author.name 
_citation_author.ordinal 
_citation_author.identifier_ORCID 
primary 'Neidle, S.'  1 ? 
primary 'Lee, M.P.H.' 2 ? 
# 
_cell.entry_id           2I5A 
_cell.length_a           24.145 
_cell.length_b           39.842 
_cell.length_c           65.794 
_cell.angle_alpha        90.00 
_cell.angle_beta         90.00 
_cell.angle_gamma        90.00 
_cell.Z_PDB              8 
_cell.pdbx_unique_axis   ? 
_cell.length_a_esd       ? 
_cell.length_b_esd       ? 
_cell.length_c_esd       ? 
_cell.angle_alpha_esd    ? 
_cell.angle_beta_esd     ? 
_cell.angle_gamma_esd    ? 
# 
_symmetry.entry_id                         2I5A 
_symmetry.space_group_name_H-M             'P 21 21 21' 
_symmetry.pdbx_full_space_group_name_H-M   ? 
_symmetry.cell_setting                     ? 
_symmetry.Int_Tables_number                19 
_symmetry.space_group_name_Hall            ? 
# 
loop_
_entity.id 
_entity.type 
_entity.src_method 
_entity.pdbx_description 
_entity.formula_weight 
_entity.pdbx_number_of_molecules 
_entity.pdbx_ec 
_entity.pdbx_mutation 
_entity.pdbx_fragment 
_entity.details 
1 polymer     syn "5'-D(*CP*GP*CP*GP*AP*AP*TP*TP*CP*GP*CP*G)-3'"                                3663.392 2  ? ? ? ? 
2 non-polymer syn 'MAGNESIUM ION'                                                               24.305   1  ? ? ? ? 
3 non-polymer syn "2-{3'-[AMINO(IMINO)METHYL]BIPHENYL-4-YL}-1H-BENZIMIDAZOLE-5-CARBOXIMIDAMIDE" 354.408  1  ? ? ? ? 
4 water       nat water                                                                         18.015   84 ? ? ? ? 
# 
_entity_poly.entity_id                      1 
_entity_poly.type                           polydeoxyribonucleotide 
_entity_poly.nstd_linkage                   no 
_entity_poly.nstd_monomer                   no 
_entity_poly.pdbx_seq_one_letter_code       '(DC)(DG)(DC)(DG)(DA)(DA)(DT)(DT)(DC)(DG)(DC)(DG)' 
_entity_poly.pdbx_seq_one_letter_code_can   CGCGAATTCGCG 
_entity_poly.pdbx_strand_id                 A,B 
_entity_poly.pdbx_target_identifier         ? 
# 
loop_
_entity_poly_seq.entity_id 
_entity_poly_seq.num 
_entity_poly_seq.mon_id 
_entity_poly_seq.hetero 
1 1  DC n 
1 2  DG n 
1 3  DC n 
1 4  DG n 
1 5  DA n 
1 6  DA n 
1 7  DT n 
1 8  DT n 
1 9  DC n 
1 10 DG n 
1 11 DC n 
1 12 DG n 
# 
_struct_ref.id                         1 
_struct_ref.entity_id                  1 
_struct_ref.db_name                    PDB 
_struct_ref.db_code                    2I5A 
_struct_ref.pdbx_db_accession          2I5A 
_struct_ref.pdbx_db_isoform            ? 
_struct_ref.pdbx_seq_one_letter_code   ? 
_struct_ref.pdbx_align_begin           ? 
# 
loop_
_struct_ref_seq.align_id 
_struct_ref_seq.ref_id 
_struct_ref_seq.pdbx_PDB_id_code 
_struct_ref_seq.pdbx_strand_id 
_struct_ref_seq.seq_align_beg 
_struct_ref_seq.pdbx_seq_align_beg_ins_code 
_struct_ref_seq.seq_align_end 
_struct_ref_seq.pdbx_seq_align_end_ins_code 
_struct_ref_seq.pdbx_db_accession 
_struct_ref_seq.db_align_beg 
_struct_ref_seq.pdbx_db_align_beg_ins_code 
_struct_ref_seq.db_align_end 
_struct_ref_seq.pdbx_db_align_end_ins_code 
_struct_ref_seq.pdbx_auth_seq_align_beg 
_struct_ref_seq.pdbx_auth_seq_align_end 
1 1 2I5A A 1 ? 12 ? 2I5A 1  ? 12 ? 1  12 
2 1 2I5A B 1 ? 12 ? 2I5A 13 ? 24 ? 13 24 
# 
loop_
_chem_comp.id 
_chem_comp.type 
_chem_comp.mon_nstd_flag 
_chem_comp.name 
_chem_comp.pdbx_synonyms 
_chem_comp.formula 
_chem_comp.formula_weight 
DA  'DNA linking' y "2'-DEOXYADENOSINE-5'-MONOPHOSPHATE"                                          ? 'C10 H14 N5 O6 P' 331.222 
DC  'DNA linking' y "2'-DEOXYCYTIDINE-5'-MONOPHOSPHATE"                                           ? 'C9 H14 N3 O7 P'  307.197 
DG  'DNA linking' y "2'-DEOXYGUANOSINE-5'-MONOPHOSPHATE"                                          ? 'C10 H14 N5 O7 P' 347.221 
DT  'DNA linking' y "THYMIDINE-5'-MONOPHOSPHATE"                                                  ? 'C10 H15 N2 O8 P' 322.208 
HOH non-polymer   . WATER                                                                         ? 'H2 O'            18.015  
M1B non-polymer   . "2-{3'-[AMINO(IMINO)METHYL]BIPHENYL-4-YL}-1H-BENZIMIDAZOLE-5-CARBOXIMIDAMIDE" ? 'C21 H18 N6'      354.408 
MG  non-polymer   . 'MAGNESIUM ION'                                                               ? 'Mg 2'            24.305  
# 
_exptl.entry_id          2I5A 
_exptl.method            'X-RAY DIFFRACTION' 
_exptl.crystals_number   1 
# 
_exptl_crystal.id                    1 
_exptl_crystal.density_meas          ? 
_exptl_crystal.density_Matthews      2.07 
_exptl_crystal.density_percent_sol   40.56 
_exptl_crystal.description           ? 
_exptl_crystal.F_000                 ? 
_exptl_crystal.preparation           ? 
# 
_exptl_crystal_grow.crystal_id      1 
_exptl_crystal_grow.method          ? 
_exptl_crystal_grow.temp            ? 
_exptl_crystal_grow.temp_details    ? 
_exptl_crystal_grow.pH              7.00 
_exptl_crystal_grow.pdbx_details    
;MAGNESIUM CHLORIDE, DNA DODECAMER, MPD, COMPOUND DB 1055, SODIUM CACODYLATE BUFFER, pH 7, VAPOR DIFFUSION, HANGING
DROP, pH 7.00
;
_exptl_crystal_grow.pdbx_pH_range   . 
# 
loop_
_exptl_crystal_grow_comp.crystal_id 
_exptl_crystal_grow_comp.id 
_exptl_crystal_grow_comp.sol_id 
_exptl_crystal_grow_comp.name 
_exptl_crystal_grow_comp.volume 
_exptl_crystal_grow_comp.conc 
_exptl_crystal_grow_comp.details 
1 1 1 'MAGNESIUM CHLORIDE'       ? ? ? 
1 2 1 MPD                        ? ? ? 
1 3 1 'SODIUM CACODYLATE BUFFER' ? ? ? 
1 4 1 HOH                        ? ? ? 
1 5 2 'MAGNESIUM CHLORIDE'       ? ? ? 
1 6 2 MPD                        ? ? ? 
1 7 2 'SODIUM CACODYLATE BUFFER' ? ? ? 
1 8 2 HOH                        ? ? ? 
# 
_diffrn.id                     1 
_diffrn.ambient_temp           105.0 
_diffrn.ambient_temp_details   ? 
_diffrn.crystal_id             1 
# 
_diffrn_detector.diffrn_id              1 
_diffrn_detector.detector               'IMAGE PLATE' 
_diffrn_detector.type                   'RIGAKU RAXIS IV' 
_diffrn_detector.pdbx_collection_date   2006-07-17 
_diffrn_detector.details                'OSMIC FOCUSING MIRROR SYSTEM' 
# 
_diffrn_radiation.diffrn_id                        1 
_diffrn_radiation.wavelength_id                    1 
_diffrn_radiation.pdbx_monochromatic_or_laue_m_l   M 
_diffrn_radiation.monochromator                    'NI FILTER' 
_diffrn_radiation.pdbx_diffrn_protocol             'SINGLE WAVELENGTH' 
_diffrn_radiation.pdbx_scattering_type             x-ray 
# 
_diffrn_radiation_wavelength.id           1 
_diffrn_radiation_wavelength.wavelength   1.5418 
_diffrn_radiation_wavelength.wt           1.0 
# 
_diffrn_source.diffrn_id                   1 
_diffrn_source.source                      'ROTATING ANODE' 
_diffrn_source.type                        'RIGAKU RU200' 
_diffrn_source.pdbx_synchrotron_site       ? 
_diffrn_source.pdbx_synchrotron_beamline   ? 
_diffrn_source.pdbx_wavelength             1.5418 
_diffrn_source.pdbx_wavelength_list        ? 
# 
_reflns.entry_id                     2I5A 
_reflns.observed_criterion_sigma_I   0.000 
_reflns.observed_criterion_sigma_F   ? 
_reflns.d_resolution_low             25.000 
_reflns.d_resolution_high            1.650 
_reflns.number_obs                   7580 
_reflns.number_all                   ? 
_reflns.percent_possible_obs         93.1 
_reflns.pdbx_Rmerge_I_obs            0.035 
_reflns.pdbx_Rsym_value              ? 
_reflns.pdbx_netI_over_sigmaI        33.42 
_reflns.B_iso_Wilson_estimate        ? 
_reflns.pdbx_redundancy              2.91 
_reflns.R_free_details               ? 
_reflns.pdbx_chi_squared             ? 
_reflns.pdbx_scaling_rejects         ? 
_reflns.pdbx_diffrn_id               1 
_reflns.pdbx_ordinal                 1 
# 
_reflns_shell.d_res_high             1.65 
_reflns_shell.d_res_low              1.71 
_reflns_shell.percent_possible_all   90.7 
_reflns_shell.Rmerge_I_obs           0.219 
_reflns_shell.pdbx_Rsym_value        ? 
_reflns_shell.meanI_over_sigI_obs    4.80 
_reflns_shell.pdbx_redundancy        ? 
_reflns_shell.percent_possible_obs   ? 
_reflns_shell.number_unique_all      ? 
_reflns_shell.number_measured_all    ? 
_reflns_shell.number_measured_obs    ? 
_reflns_shell.number_unique_obs      ? 
_reflns_shell.pdbx_chi_squared       ? 
_reflns_shell.pdbx_diffrn_id         ? 
_reflns_shell.pdbx_ordinal           1 
# 
_refine.entry_id                                 2I5A 
_refine.ls_number_reflns_obs                     7500 
_refine.ls_number_reflns_all                     ? 
_refine.pdbx_ls_sigma_I                          ? 
_refine.pdbx_ls_sigma_F                          2.000 
_refine.pdbx_data_cutoff_high_absF               ? 
_refine.pdbx_data_cutoff_low_absF                ? 
_refine.pdbx_data_cutoff_high_rms_absF           ? 
_refine.ls_d_res_low                             8.00 
_refine.ls_d_res_high                            1.65 
_refine.ls_percent_reflns_obs                    84.2 
_refine.ls_R_factor_obs                          0.201 
_refine.ls_R_factor_all                          0.206 
_refine.ls_R_factor_R_work                       0.201 
_refine.ls_R_factor_R_free                       0.287 
_refine.ls_R_factor_R_free_error                 ? 
_refine.ls_R_factor_R_free_error_details         ? 
_refine.ls_percent_reflns_R_free                 9.92 
_refine.ls_number_reflns_R_free                  744 
_refine.ls_number_parameters                     2359 
_refine.ls_number_restraints                     2359 
_refine.occupancy_min                            ? 
_refine.occupancy_max                            ? 
_refine.correlation_coeff_Fo_to_Fc               ? 
_refine.correlation_coeff_Fo_to_Fc_free          ? 
_refine.B_iso_mean                               ? 
_refine.aniso_B[1][1]                            ? 
_refine.aniso_B[2][2]                            ? 
_refine.aniso_B[3][3]                            ? 
_refine.aniso_B[1][2]                            ? 
_refine.aniso_B[1][3]                            ? 
_refine.aniso_B[2][3]                            ? 
_refine.solvent_model_details                    'MOEWS & KRETSINGER, J.MOL.BIOL.91(1973)201-22' 
_refine.solvent_model_param_ksol                 ? 
_refine.solvent_model_param_bsol                 ? 
_refine.pdbx_solvent_vdw_probe_radii             ? 
_refine.pdbx_solvent_ion_probe_radii             ? 
_refine.pdbx_solvent_shrinkage_radii             ? 
_refine.pdbx_ls_cross_valid_method               THROUGHOUT 
_refine.details                                  ? 
_refine.pdbx_starting_model                      'PDB ENTRY 2DBE' 
_refine.pdbx_method_to_determine_struct          'MOLECULAR REPLACEMENT' 
_refine.pdbx_isotropic_thermal_model             ? 
_refine.pdbx_stereochemistry_target_values       'ENGH & HUBER' 
_refine.pdbx_stereochem_target_val_spec_case     ? 
_refine.pdbx_R_Free_selection_details            RANDOM 
_refine.pdbx_overall_ESU_R                       ? 
_refine.pdbx_overall_ESU_R_Free                  ? 
_refine.overall_SU_ML                            ? 
_refine.overall_SU_B                             ? 
_refine.ls_redundancy_reflns_obs                 ? 
_refine.overall_SU_R_Cruickshank_DPI             ? 
_refine.overall_SU_R_free                        ? 
_refine.ls_wR_factor_R_free                      ? 
_refine.ls_wR_factor_R_work                      ? 
_refine.overall_FOM_free_R_set                   ? 
_refine.overall_FOM_work_R_set                   ? 
_refine.pdbx_overall_phase_error                 ? 
_refine.pdbx_refine_id                           'X-RAY DIFFRACTION' 
_refine.pdbx_diffrn_id                           1 
_refine.pdbx_TLS_residual_ADP_flag               ? 
_refine.pdbx_overall_SU_R_free_Cruickshank_DPI   ? 
_refine.pdbx_overall_SU_R_Blow_DPI               ? 
_refine.pdbx_overall_SU_R_free_Blow_DPI          ? 
# 
_refine_analyze.entry_id                        2I5A 
_refine_analyze.Luzzati_coordinate_error_obs    ? 
_refine_analyze.Luzzati_sigma_a_obs             ? 
_refine_analyze.Luzzati_d_res_low_obs           ? 
_refine_analyze.Luzzati_coordinate_error_free   ? 
_refine_analyze.Luzzati_sigma_a_free            ? 
_refine_analyze.Luzzati_d_res_low_free          ? 
_refine_analyze.number_disordered_residues      0.00 
_refine_analyze.occupancy_sum_hydrogen          0.00 
_refine_analyze.occupancy_sum_non_hydrogen      598.0 
_refine_analyze.pdbx_refine_id                  'X-RAY DIFFRACTION' 
# 
_refine_hist.pdbx_refine_id                   'X-RAY DIFFRACTION' 
_refine_hist.cycle_id                         LAST 
_refine_hist.pdbx_number_atoms_protein        0 
_refine_hist.pdbx_number_atoms_nucleic_acid   486 
_refine_hist.pdbx_number_atoms_ligand         28 
_refine_hist.number_atoms_solvent             84 
_refine_hist.number_atoms_total               598 
_refine_hist.d_res_high                       1.65 
_refine_hist.d_res_low                        8.00 
# 
loop_
_refine_ls_restr.type 
_refine_ls_restr.dev_ideal 
_refine_ls_restr.dev_ideal_target 
_refine_ls_restr.weight 
_refine_ls_restr.number 
_refine_ls_restr.pdbx_refine_id 
_refine_ls_restr.pdbx_restraint_function 
s_bond_d               0.008 ? ? ? 'X-RAY DIFFRACTION' ? 
s_angle_d              0.027 ? ? ? 'X-RAY DIFFRACTION' ? 
s_similar_dist         0.000 ? ? ? 'X-RAY DIFFRACTION' ? 
s_from_restr_planes    0.012 ? ? ? 'X-RAY DIFFRACTION' ? 
s_zero_chiral_vol      0.000 ? ? ? 'X-RAY DIFFRACTION' ? 
s_non_zero_chiral_vol  0.007 ? ? ? 'X-RAY DIFFRACTION' ? 
s_anti_bump_dis_restr  0.006 ? ? ? 'X-RAY DIFFRACTION' ? 
s_rigid_bond_adp_cmpnt 0.000 ? ? ? 'X-RAY DIFFRACTION' ? 
s_similar_adp_cmpnt    0.063 ? ? ? 'X-RAY DIFFRACTION' ? 
s_approx_iso_adps      0.000 ? ? ? 'X-RAY DIFFRACTION' ? 
# 
_pdbx_refine.entry_id                                    2I5A 
_pdbx_refine.R_factor_all_no_cutoff                      0.206 
_pdbx_refine.R_factor_obs_no_cutoff                      0.201 
_pdbx_refine.free_R_factor_no_cutoff                     0.287 
_pdbx_refine.free_R_val_test_set_size_perc_no_cutoff     9.92 
_pdbx_refine.free_R_val_test_set_ct_no_cutoff            744 
_pdbx_refine.R_factor_all_4sig_cutoff                    0.198 
_pdbx_refine.R_factor_obs_4sig_cutoff                    0.194 
_pdbx_refine.free_R_factor_4sig_cutoff                   0.278 
_pdbx_refine.free_R_val_test_set_size_perc_4sig_cutoff   9.87 
_pdbx_refine.free_R_val_test_set_ct_4sig_cutoff          663 
_pdbx_refine.number_reflns_obs_4sig_cutoff               6716 
_pdbx_refine.pdbx_refine_id                              'X-RAY DIFFRACTION' 
_pdbx_refine.free_R_error_no_cutoff                      ? 
# 
_struct.entry_id                  2I5A 
_struct.title                     'Crystal structure of a DB1055-D(CGCGAATTCGCG)2 complex' 
_struct.pdbx_model_details        ? 
_struct.pdbx_CASP_flag            ? 
_struct.pdbx_model_type_details   ? 
# 
_struct_keywords.entry_id        2I5A 
_struct_keywords.pdbx_keywords   DNA 
_struct_keywords.text            'B-type DNA dodecamer with compound DB 1055, DNA' 
# 
loop_
_struct_asym.id 
_struct_asym.pdbx_blank_PDB_chainid_flag 
_struct_asym.pdbx_modified 
_struct_asym.entity_id 
_struct_asym.details 
A N N 1 ? 
B N N 1 ? 
C N N 2 ? 
D N N 3 ? 
E N N 4 ? 
F N N 4 ? 
# 
_struct_biol.id        1 
_struct_biol.details   ? 
# 
loop_
_struct_conn.id 
_struct_conn.conn_type_id 
_struct_conn.pdbx_leaving_atom_flag 
_struct_conn.pdbx_PDB_id 
_struct_conn.ptnr1_label_asym_id 
_struct_conn.ptnr1_label_comp_id 
_struct_conn.ptnr1_label_seq_id 
_struct_conn.ptnr1_label_atom_id 
_struct_conn.pdbx_ptnr1_label_alt_id 
_struct_conn.pdbx_ptnr1_PDB_ins_code 
_struct_conn.pdbx_ptnr1_standard_comp_id 
_struct_conn.ptnr1_symmetry 
_struct_conn.ptnr2_label_asym_id 
_struct_conn.ptnr2_label_comp_id 
_struct_conn.ptnr2_label_seq_id 
_struct_conn.ptnr2_label_atom_id 
_struct_conn.pdbx_ptnr2_label_alt_id 
_struct_conn.pdbx_ptnr2_PDB_ins_code 
_struct_conn.ptnr1_auth_asym_id 
_struct_conn.ptnr1_auth_comp_id 
_struct_conn.ptnr1_auth_seq_id 
_struct_conn.ptnr2_auth_asym_id 
_struct_conn.ptnr2_auth_comp_id 
_struct_conn.ptnr2_auth_seq_id 
_struct_conn.ptnr2_symmetry 
_struct_conn.pdbx_ptnr3_label_atom_id 
_struct_conn.pdbx_ptnr3_label_seq_id 
_struct_conn.pdbx_ptnr3_label_comp_id 
_struct_conn.pdbx_ptnr3_label_asym_id 
_struct_conn.pdbx_ptnr3_label_alt_id 
_struct_conn.pdbx_ptnr3_PDB_ins_code 
_struct_conn.details 
_struct_conn.pdbx_dist_value 
_struct_conn.pdbx_value_order 
_struct_conn.pdbx_role 
metalc1  metalc ? ? C MG .  MG ? ? ? 1_555 E HOH .  O  ? ? A MG 26 A HOH 27 1_555 ? ? ? ? ? ? ?            2.118 ? ? 
metalc2  metalc ? ? C MG .  MG ? ? ? 1_555 E HOH .  O  ? ? A MG 26 A HOH 28 1_555 ? ? ? ? ? ? ?            2.117 ? ? 
metalc3  metalc ? ? C MG .  MG ? ? ? 1_555 E HOH .  O  ? ? A MG 26 A HOH 29 1_555 ? ? ? ? ? ? ?            2.134 ? ? 
metalc4  metalc ? ? C MG .  MG ? ? ? 1_555 F HOH .  O  ? ? A MG 26 B HOH 25 1_555 ? ? ? ? ? ? ?            2.133 ? ? 
metalc5  metalc ? ? C MG .  MG ? ? ? 1_555 F HOH .  O  ? ? A MG 26 B HOH 26 1_555 ? ? ? ? ? ? ?            2.129 ? ? 
metalc6  metalc ? ? C MG .  MG ? ? ? 1_555 F HOH .  O  ? ? A MG 26 B HOH 27 1_555 ? ? ? ? ? ? ?            2.114 ? ? 
hydrog1  hydrog ? ? A DC 1  N3 ? ? ? 1_555 B DG  12 N1 ? ? A DC 1  B DG  24 1_555 ? ? ? ? ? ? WATSON-CRICK ?     ? ? 
hydrog2  hydrog ? ? A DC 1  N4 ? ? ? 1_555 B DG  12 O6 ? ? A DC 1  B DG  24 1_555 ? ? ? ? ? ? WATSON-CRICK ?     ? ? 
hydrog3  hydrog ? ? A DC 1  O2 ? ? ? 1_555 B DG  12 N2 ? ? A DC 1  B DG  24 1_555 ? ? ? ? ? ? WATSON-CRICK ?     ? ? 
hydrog4  hydrog ? ? A DG 2  N1 ? ? ? 1_555 B DC  11 N3 ? ? A DG 2  B DC  23 1_555 ? ? ? ? ? ? WATSON-CRICK ?     ? ? 
hydrog5  hydrog ? ? A DG 2  N2 ? ? ? 1_555 B DC  11 O2 ? ? A DG 2  B DC  23 1_555 ? ? ? ? ? ? WATSON-CRICK ?     ? ? 
hydrog6  hydrog ? ? A DG 2  O6 ? ? ? 1_555 B DC  11 N4 ? ? A DG 2  B DC  23 1_555 ? ? ? ? ? ? WATSON-CRICK ?     ? ? 
hydrog7  hydrog ? ? A DC 3  N3 ? ? ? 1_555 B DG  10 N1 ? ? A DC 3  B DG  22 1_555 ? ? ? ? ? ? WATSON-CRICK ?     ? ? 
hydrog8  hydrog ? ? A DC 3  N4 ? ? ? 1_555 B DG  10 O6 ? ? A DC 3  B DG  22 1_555 ? ? ? ? ? ? WATSON-CRICK ?     ? ? 
hydrog9  hydrog ? ? A DC 3  O2 ? ? ? 1_555 B DG  10 N2 ? ? A DC 3  B DG  22 1_555 ? ? ? ? ? ? WATSON-CRICK ?     ? ? 
hydrog10 hydrog ? ? A DG 4  N1 ? ? ? 1_555 B DC  9  N3 ? ? A DG 4  B DC  21 1_555 ? ? ? ? ? ? WATSON-CRICK ?     ? ? 
hydrog11 hydrog ? ? A DG 4  N2 ? ? ? 1_555 B DC  9  O2 ? ? A DG 4  B DC  21 1_555 ? ? ? ? ? ? WATSON-CRICK ?     ? ? 
hydrog12 hydrog ? ? A DG 4  O6 ? ? ? 1_555 B DC  9  N4 ? ? A DG 4  B DC  21 1_555 ? ? ? ? ? ? WATSON-CRICK ?     ? ? 
hydrog13 hydrog ? ? A DA 5  N1 ? ? ? 1_555 B DT  8  N3 ? ? A DA 5  B DT  20 1_555 ? ? ? ? ? ? WATSON-CRICK ?     ? ? 
hydrog14 hydrog ? ? A DA 5  N6 ? ? ? 1_555 B DT  8  O4 ? ? A DA 5  B DT  20 1_555 ? ? ? ? ? ? WATSON-CRICK ?     ? ? 
hydrog15 hydrog ? ? A DA 6  N1 ? ? ? 1_555 B DT  7  N3 ? ? A DA 6  B DT  19 1_555 ? ? ? ? ? ? WATSON-CRICK ?     ? ? 
hydrog16 hydrog ? ? A DA 6  N6 ? ? ? 1_555 B DT  7  O4 ? ? A DA 6  B DT  19 1_555 ? ? ? ? ? ? WATSON-CRICK ?     ? ? 
hydrog17 hydrog ? ? A DT 7  N3 ? ? ? 1_555 B DA  6  N1 ? ? A DT 7  B DA  18 1_555 ? ? ? ? ? ? WATSON-CRICK ?     ? ? 
hydrog18 hydrog ? ? A DT 7  O4 ? ? ? 1_555 B DA  6  N6 ? ? A DT 7  B DA  18 1_555 ? ? ? ? ? ? WATSON-CRICK ?     ? ? 
hydrog19 hydrog ? ? A DT 8  N3 ? ? ? 1_555 B DA  5  N1 ? ? A DT 8  B DA  17 1_555 ? ? ? ? ? ? WATSON-CRICK ?     ? ? 
hydrog20 hydrog ? ? A DT 8  O4 ? ? ? 1_555 B DA  5  N6 ? ? A DT 8  B DA  17 1_555 ? ? ? ? ? ? WATSON-CRICK ?     ? ? 
hydrog21 hydrog ? ? A DC 9  N3 ? ? ? 1_555 B DG  4  N1 ? ? A DC 9  B DG  16 1_555 ? ? ? ? ? ? WATSON-CRICK ?     ? ? 
hydrog22 hydrog ? ? A DC 9  N4 ? ? ? 1_555 B DG  4  O6 ? ? A DC 9  B DG  16 1_555 ? ? ? ? ? ? WATSON-CRICK ?     ? ? 
hydrog23 hydrog ? ? A DC 9  O2 ? ? ? 1_555 B DG  4  N2 ? ? A DC 9  B DG  16 1_555 ? ? ? ? ? ? WATSON-CRICK ?     ? ? 
hydrog24 hydrog ? ? A DG 10 N1 ? ? ? 1_555 B DC  3  N3 ? ? A DG 10 B DC  15 1_555 ? ? ? ? ? ? WATSON-CRICK ?     ? ? 
hydrog25 hydrog ? ? A DG 10 N2 ? ? ? 1_555 B DC  3  O2 ? ? A DG 10 B DC  15 1_555 ? ? ? ? ? ? WATSON-CRICK ?     ? ? 
hydrog26 hydrog ? ? A DG 10 O6 ? ? ? 1_555 B DC  3  N4 ? ? A DG 10 B DC  15 1_555 ? ? ? ? ? ? WATSON-CRICK ?     ? ? 
hydrog27 hydrog ? ? A DC 11 N3 ? ? ? 1_555 B DG  2  N1 ? ? A DC 11 B DG  14 1_555 ? ? ? ? ? ? WATSON-CRICK ?     ? ? 
hydrog28 hydrog ? ? A DC 11 N4 ? ? ? 1_555 B DG  2  O6 ? ? A DC 11 B DG  14 1_555 ? ? ? ? ? ? WATSON-CRICK ?     ? ? 
hydrog29 hydrog ? ? A DC 11 O2 ? ? ? 1_555 B DG  2  N2 ? ? A DC 11 B DG  14 1_555 ? ? ? ? ? ? WATSON-CRICK ?     ? ? 
hydrog30 hydrog ? ? A DG 12 N1 ? ? ? 1_555 B DC  1  N3 ? ? A DG 12 B DC  13 1_555 ? ? ? ? ? ? WATSON-CRICK ?     ? ? 
hydrog31 hydrog ? ? A DG 12 N2 ? ? ? 1_555 B DC  1  O2 ? ? A DG 12 B DC  13 1_555 ? ? ? ? ? ? WATSON-CRICK ?     ? ? 
hydrog32 hydrog ? ? A DG 12 O6 ? ? ? 1_555 B DC  1  N4 ? ? A DG 12 B DC  13 1_555 ? ? ? ? ? ? WATSON-CRICK ?     ? ? 
# 
loop_
_struct_conn_type.id 
_struct_conn_type.criteria 
_struct_conn_type.reference 
metalc ? ? 
hydrog ? ? 
# 
loop_
_struct_site.id 
_struct_site.pdbx_evidence_code 
_struct_site.pdbx_auth_asym_id 
_struct_site.pdbx_auth_comp_id 
_struct_site.pdbx_auth_seq_id 
_struct_site.pdbx_auth_ins_code 
_struct_site.pdbx_num_residues 
_struct_site.details 
AC1 Software A MG  26 ? 6  'BINDING SITE FOR RESIDUE MG A 26'  
AC2 Software A M1B 25 ? 12 'BINDING SITE FOR RESIDUE M1B A 25' 
1   ?        ? ?   ?  ? ?  ?                                   
# 
loop_
_struct_site_gen.id 
_struct_site_gen.site_id 
_struct_site_gen.pdbx_num_res 
_struct_site_gen.label_comp_id 
_struct_site_gen.label_asym_id 
_struct_site_gen.label_seq_id 
_struct_site_gen.pdbx_auth_ins_code 
_struct_site_gen.auth_comp_id 
_struct_site_gen.auth_asym_id 
_struct_site_gen.auth_seq_id 
_struct_site_gen.label_atom_id 
_struct_site_gen.label_alt_id 
_struct_site_gen.symmetry 
_struct_site_gen.details 
1  AC1 6  HOH E . ? HOH A 27 . ? 1_555 ? 
2  AC1 6  HOH E . ? HOH A 28 . ? 1_555 ? 
3  AC1 6  HOH E . ? HOH A 29 . ? 1_555 ? 
4  AC1 6  HOH F . ? HOH B 25 . ? 1_555 ? 
5  AC1 6  HOH F . ? HOH B 26 . ? 1_555 ? 
6  AC1 6  HOH F . ? HOH B 27 . ? 1_555 ? 
7  AC2 12 DA  A 5 ? DA  A 5  . ? 1_555 ? 
8  AC2 12 DA  A 6 ? DA  A 6  . ? 1_555 ? 
9  AC2 12 DT  A 7 ? DT  A 7  . ? 1_555 ? 
10 AC2 12 DT  A 8 ? DT  A 8  . ? 1_555 ? 
11 AC2 12 DC  A 9 ? DC  A 9  . ? 1_555 ? 
12 AC2 12 HOH E . ? HOH A 50 . ? 1_555 ? 
13 AC2 12 HOH E . ? HOH A 72 . ? 1_555 ? 
14 AC2 12 HOH E . ? HOH A 76 . ? 1_555 ? 
15 AC2 12 DA  B 6 ? DA  B 18 . ? 1_555 ? 
16 AC2 12 DT  B 7 ? DT  B 19 . ? 1_555 ? 
17 AC2 12 DT  B 8 ? DT  B 20 . ? 1_555 ? 
18 AC2 12 DC  B 9 ? DC  B 21 . ? 1_555 ? 
# 
_atom_sites.entry_id                    2I5A 
_atom_sites.fract_transf_matrix[1][1]   0.01994067 
_atom_sites.fract_transf_matrix[1][2]   -0.01841527 
_atom_sites.fract_transf_matrix[1][3]   -0.03128150 
_atom_sites.fract_transf_matrix[2][1]   -0.02193153 
_atom_sites.fract_transf_matrix[2][2]   -0.00442805 
_atom_sites.fract_transf_matrix[2][3]   -0.01137367 
_atom_sites.fract_transf_matrix[3][1]   0.00103714 
_atom_sites.fract_transf_matrix[3][2]   0.01334719 
_atom_sites.fract_transf_matrix[3][3]   -0.00719629 
_atom_sites.fract_transf_vector[1]      0.576685 
_atom_sites.fract_transf_vector[2]      0.517545 
_atom_sites.fract_transf_vector[3]      0.143477 
# 
loop_
_atom_type.symbol 
C  
MG 
N  
O  
P  
# 
loop_
_atom_site.group_PDB 
_atom_site.id 
_atom_site.type_symbol 
_atom_site.label_atom_id 
_atom_site.label_alt_id 
_atom_site.label_comp_id 
_atom_site.label_asym_id 
_atom_site.label_entity_id 
_atom_site.label_seq_id 
_atom_site.pdbx_PDB_ins_code 
_atom_site.Cartn_x 
_atom_site.Cartn_y 
_atom_site.Cartn_z 
_atom_site.occupancy 
_atom_site.B_iso_or_equiv 
_atom_site.pdbx_formal_charge 
_atom_site.auth_seq_id 
_atom_site.auth_comp_id 
_atom_site.auth_asym_id 
_atom_site.auth_atom_id 
_atom_site.pdbx_PDB_model_num 
ATOM   1   O  "O5'" . DC  A 1 1  ? -8.050  8.138   -17.357 1.00 22.49 ? 1  DC  A "O5'" 1 
ATOM   2   C  "C5'" . DC  A 1 1  ? -7.438  8.777   -16.223 1.00 23.54 ? 1  DC  A "C5'" 1 
ATOM   3   C  "C4'" . DC  A 1 1  ? -5.935  8.658   -16.337 1.00 23.38 ? 1  DC  A "C4'" 1 
ATOM   4   O  "O4'" . DC  A 1 1  ? -5.326  9.688   -15.529 1.00 21.85 ? 1  DC  A "O4'" 1 
ATOM   5   C  "C3'" . DC  A 1 1  ? -5.327  7.353   -15.843 1.00 24.35 ? 1  DC  A "C3'" 1 
ATOM   6   O  "O3'" . DC  A 1 1  ? -4.262  6.936   -16.692 1.00 24.86 ? 1  DC  A "O3'" 1 
ATOM   7   C  "C2'" . DC  A 1 1  ? -4.837  7.670   -14.455 1.00 23.77 ? 1  DC  A "C2'" 1 
ATOM   8   C  "C1'" . DC  A 1 1  ? -4.373  9.108   -14.628 1.00 22.85 ? 1  DC  A "C1'" 1 
ATOM   9   N  N1    . DC  A 1 1  ? -4.398  10.015  -13.483 1.00 22.63 ? 1  DC  A N1    1 
ATOM   10  C  C2    . DC  A 1 1  ? -3.283  10.846  -13.292 1.00 24.36 ? 1  DC  A C2    1 
ATOM   11  O  O2    . DC  A 1 1  ? -2.324  10.784  -14.084 1.00 21.86 ? 1  DC  A O2    1 
ATOM   12  N  N3    . DC  A 1 1  ? -3.281  11.693  -12.240 1.00 24.23 ? 1  DC  A N3    1 
ATOM   13  C  C4    . DC  A 1 1  ? -4.313  11.752  -11.397 1.00 26.72 ? 1  DC  A C4    1 
ATOM   14  N  N4    . DC  A 1 1  ? -4.225  12.624  -10.384 1.00 23.59 ? 1  DC  A N4    1 
ATOM   15  C  C5    . DC  A 1 1  ? -5.461  10.917  -11.572 1.00 16.83 ? 1  DC  A C5    1 
ATOM   16  C  C6    . DC  A 1 1  ? -5.449  10.082  -12.614 1.00 15.86 ? 1  DC  A C6    1 
ATOM   17  P  P     . DG  A 1 2  ? -3.625  5.469   -16.601 1.00 28.01 ? 2  DG  A P     1 
ATOM   18  O  OP1   . DG  A 1 2  ? -3.218  5.086   -17.977 1.00 27.44 ? 2  DG  A OP1   1 
ATOM   19  O  OP2   . DG  A 1 2  ? -4.520  4.588   -15.828 1.00 20.75 ? 2  DG  A OP2   1 
ATOM   20  O  "O5'" . DG  A 1 2  ? -2.287  5.704   -15.756 1.00 22.45 ? 2  DG  A "O5'" 1 
ATOM   21  C  "C5'" . DG  A 1 2  ? -1.234  6.487   -16.336 1.00 22.64 ? 2  DG  A "C5'" 1 
ATOM   22  C  "C4'" . DG  A 1 2  ? -0.005  6.365   -15.479 1.00 24.80 ? 2  DG  A "C4'" 1 
ATOM   23  O  "O4'" . DG  A 1 2  ? -0.067  7.248   -14.338 1.00 23.44 ? 2  DG  A "O4'" 1 
ATOM   24  C  "C3'" . DG  A 1 2  ? 0.206   4.962   -14.891 1.00 24.50 ? 2  DG  A "C3'" 1 
ATOM   25  O  "O3'" . DG  A 1 2  ? 1.586   4.650   -14.998 1.00 25.86 ? 2  DG  A "O3'" 1 
ATOM   26  C  "C2'" . DG  A 1 2  ? -0.301  5.054   -13.476 1.00 17.02 ? 2  DG  A "C2'" 1 
ATOM   27  C  "C1'" . DG  A 1 2  ? 0.050   6.492   -13.134 1.00 23.88 ? 2  DG  A "C1'" 1 
ATOM   28  N  N9    . DG  A 1 2  ? -0.836  7.198   -12.203 1.00 20.98 ? 2  DG  A N9    1 
ATOM   29  C  C8    . DG  A 1 2  ? -2.154  6.988   -11.883 1.00 17.20 ? 2  DG  A C8    1 
ATOM   30  N  N7    . DG  A 1 2  ? -2.608  7.846   -10.989 1.00 21.05 ? 2  DG  A N7    1 
ATOM   31  C  C5    . DG  A 1 2  ? -1.518  8.666   -10.708 1.00 22.89 ? 2  DG  A C5    1 
ATOM   32  C  C6    . DG  A 1 2  ? -1.383  9.773   -9.826  1.00 17.24 ? 2  DG  A C6    1 
ATOM   33  O  O6    . DG  A 1 2  ? -2.222  10.285  -9.076  1.00 19.98 ? 2  DG  A O6    1 
ATOM   34  N  N1    . DG  A 1 2  ? -0.096  10.307  -9.861  1.00 17.04 ? 2  DG  A N1    1 
ATOM   35  C  C2    . DG  A 1 2  ? 0.919   9.826   -10.649 1.00 18.80 ? 2  DG  A C2    1 
ATOM   36  N  N2    . DG  A 1 2  ? 2.106   10.450  -10.571 1.00 18.51 ? 2  DG  A N2    1 
ATOM   37  N  N3    . DG  A 1 2  ? 0.826   8.800   -11.480 1.00 18.44 ? 2  DG  A N3    1 
ATOM   38  C  C4    . DG  A 1 2  ? -0.422  8.279   -11.449 1.00 21.34 ? 2  DG  A C4    1 
ATOM   39  P  P     . DC  A 1 3  ? 2.214   3.200   -14.771 1.00 26.52 ? 3  DC  A P     1 
ATOM   40  O  OP1   . DC  A 1 3  ? 3.074   2.893   -15.931 1.00 22.97 ? 3  DC  A OP1   1 
ATOM   41  O  OP2   . DC  A 1 3  ? 1.127   2.281   -14.350 1.00 23.83 ? 3  DC  A OP2   1 
ATOM   42  O  "O5'" . DC  A 1 3  ? 3.159   3.434   -13.495 1.00 28.46 ? 3  DC  A "O5'" 1 
ATOM   43  C  "C5'" . DC  A 1 3  ? 4.280   4.310   -13.631 1.00 20.83 ? 3  DC  A "C5'" 1 
ATOM   44  C  "C4'" . DC  A 1 3  ? 4.574   5.026   -12.345 1.00 19.34 ? 3  DC  A "C4'" 1 
ATOM   45  O  "O4'" . DC  A 1 3  ? 3.444   5.769   -11.866 1.00 22.08 ? 3  DC  A "O4'" 1 
ATOM   46  C  "C3'" . DC  A 1 3  ? 4.914   4.077   -11.190 1.00 25.74 ? 3  DC  A "C3'" 1 
ATOM   47  O  "O3'" . DC  A 1 3  ? 6.307   3.770   -11.255 1.00 26.22 ? 3  DC  A "O3'" 1 
ATOM   48  C  "C2'" . DC  A 1 3  ? 4.505   4.829   -9.967  1.00 27.48 ? 3  DC  A "C2'" 1 
ATOM   49  C  "C1'" . DC  A 1 3  ? 3.545   5.910   -10.436 1.00 29.50 ? 3  DC  A "C1'" 1 
ATOM   50  N  N1    . DC  A 1 3  ? 2.164   5.850   -9.913  1.00 17.97 ? 3  DC  A N1    1 
ATOM   51  C  C2    . DC  A 1 3  ? 1.748   6.781   -8.970  1.00 19.41 ? 3  DC  A C2    1 
ATOM   52  O  O2    . DC  A 1 3  ? 2.554   7.647   -8.586  1.00 18.82 ? 3  DC  A O2    1 
ATOM   53  N  N3    . DC  A 1 3  ? 0.483   6.759   -8.465  1.00 20.61 ? 3  DC  A N3    1 
ATOM   54  C  C4    . DC  A 1 3  ? -0.364  5.809   -8.904  1.00 20.55 ? 3  DC  A C4    1 
ATOM   55  N  N4    . DC  A 1 3  ? -1.607  5.787   -8.405  1.00 21.25 ? 3  DC  A N4    1 
ATOM   56  C  C5    . DC  A 1 3  ? 0.037   4.843   -9.867  1.00 25.16 ? 3  DC  A C5    1 
ATOM   57  C  C6    . DC  A 1 3  ? 1.290   4.890   -10.349 1.00 20.06 ? 3  DC  A C6    1 
ATOM   58  P  P     . DG  A 1 4  ? 6.928   2.694   -10.237 1.00 30.23 ? 4  DG  A P     1 
ATOM   59  O  OP1   . DG  A 1 4  ? 8.164   2.162   -10.882 1.00 35.94 ? 4  DG  A OP1   1 
ATOM   60  O  OP2   . DG  A 1 4  ? 5.881   1.763   -9.824  1.00 24.27 ? 4  DG  A OP2   1 
ATOM   61  O  "O5'" . DG  A 1 4  ? 7.354   3.583   -8.995  1.00 25.77 ? 4  DG  A "O5'" 1 
ATOM   62  C  "C5'" . DG  A 1 4  ? 8.118   4.790   -9.051  1.00 24.88 ? 4  DG  A "C5'" 1 
ATOM   63  C  "C4'" . DG  A 1 4  ? 8.162   5.423   -7.690  1.00 21.55 ? 4  DG  A "C4'" 1 
ATOM   64  O  "O4'" . DG  A 1 4  ? 6.866   5.824   -7.206  1.00 26.00 ? 4  DG  A "O4'" 1 
ATOM   65  C  "C3'" . DG  A 1 4  ? 8.673   4.464   -6.613  1.00 26.87 ? 4  DG  A "C3'" 1 
ATOM   66  O  "O3'" . DG  A 1 4  ? 9.452   5.201   -5.691  1.00 40.59 ? 4  DG  A "O3'" 1 
ATOM   67  C  "C2'" . DG  A 1 4  ? 7.441   3.885   -5.985  1.00 18.03 ? 4  DG  A "C2'" 1 
ATOM   68  C  "C1'" . DG  A 1 4  ? 6.498   5.081   -6.053  1.00 21.42 ? 4  DG  A "C1'" 1 
ATOM   69  N  N9    . DG  A 1 4  ? 5.086   4.715   -6.197  1.00 20.89 ? 4  DG  A N9    1 
ATOM   70  C  C8    . DG  A 1 4  ? 4.559   3.645   -6.889  1.00 28.39 ? 4  DG  A C8    1 
ATOM   71  N  N7    . DG  A 1 4  ? 3.261   3.580   -6.835  1.00 30.03 ? 4  DG  A N7    1 
ATOM   72  C  C5    . DG  A 1 4  ? 2.907   4.675   -6.056  1.00 23.47 ? 4  DG  A C5    1 
ATOM   73  C  C6    . DG  A 1 4  ? 1.622   5.110   -5.658  1.00 18.92 ? 4  DG  A C6    1 
ATOM   74  O  O6    . DG  A 1 4  ? 0.535   4.578   -5.939  1.00 23.76 ? 4  DG  A O6    1 
ATOM   75  N  N1    . DG  A 1 4  ? 1.696   6.259   -4.874  1.00 18.79 ? 4  DG  A N1    1 
ATOM   76  C  C2    . DG  A 1 4  ? 2.866   6.896   -4.527  1.00 19.59 ? 4  DG  A C2    1 
ATOM   77  N  N2    . DG  A 1 4  ? 2.742   7.989   -3.767  1.00 22.06 ? 4  DG  A N2    1 
ATOM   78  N  N3    . DG  A 1 4  ? 4.073   6.500   -4.892  1.00 20.72 ? 4  DG  A N3    1 
ATOM   79  C  C4    . DG  A 1 4  ? 4.017   5.386   -5.652  1.00 24.01 ? 4  DG  A C4    1 
ATOM   80  P  P     . DA  A 1 5  ? 10.241  4.606   -4.437  1.00 33.74 ? 5  DA  A P     1 
ATOM   81  O  OP1   . DA  A 1 5  ? 11.527  5.373   -4.393  1.00 34.56 ? 5  DA  A OP1   1 
ATOM   82  O  OP2   . DA  A 1 5  ? 10.218  3.137   -4.500  1.00 48.49 ? 5  DA  A OP2   1 
ATOM   83  O  "O5'" . DA  A 1 5  ? 9.366   5.093   -3.183  1.00 27.26 ? 5  DA  A "O5'" 1 
ATOM   84  C  "C5'" . DA  A 1 5  ? 9.090   6.496   -3.073  1.00 21.90 ? 5  DA  A "C5'" 1 
ATOM   85  C  "C4'" . DA  A 1 5  ? 8.129   6.800   -1.955  1.00 19.49 ? 5  DA  A "C4'" 1 
ATOM   86  O  "O4'" . DA  A 1 5  ? 6.799   6.341   -2.253  1.00 22.17 ? 5  DA  A "O4'" 1 
ATOM   87  C  "C3'" . DA  A 1 5  ? 8.503   6.123   -0.628  1.00 21.18 ? 5  DA  A "C3'" 1 
ATOM   88  O  "O3'" . DA  A 1 5  ? 8.416   7.087   0.404   1.00 19.58 ? 5  DA  A "O3'" 1 
ATOM   89  C  "C2'" . DA  A 1 5  ? 7.527   4.986   -0.488  1.00 23.33 ? 5  DA  A "C2'" 1 
ATOM   90  C  "C1'" . DA  A 1 5  ? 6.303   5.504   -1.204  1.00 23.14 ? 5  DA  A "C1'" 1 
ATOM   91  N  N9    . DA  A 1 5  ? 5.458   4.540   -1.916  1.00 16.93 ? 5  DA  A N9    1 
ATOM   92  C  C8    . DA  A 1 5  ? 5.881   3.452   -2.649  1.00 19.25 ? 5  DA  A C8    1 
ATOM   93  N  N7    . DA  A 1 5  ? 4.884   2.776   -3.173  1.00 22.42 ? 5  DA  A N7    1 
ATOM   94  C  C5    . DA  A 1 5  ? 3.744   3.453   -2.769  1.00 23.49 ? 5  DA  A C5    1 
ATOM   95  C  C6    . DA  A 1 5  ? 2.364   3.262   -2.981  1.00 22.58 ? 5  DA  A C6    1 
ATOM   96  N  N6    . DA  A 1 5  ? 1.803   2.282   -3.690  1.00 21.55 ? 5  DA  A N6    1 
ATOM   97  N  N1    . DA  A 1 5  ? 1.513   4.147   -2.415  1.00 23.89 ? 5  DA  A N1    1 
ATOM   98  C  C2    . DA  A 1 5  ? 1.993   5.162   -1.686  1.00 21.97 ? 5  DA  A C2    1 
ATOM   99  N  N3    . DA  A 1 5  ? 3.265   5.443   -1.419  1.00 19.45 ? 5  DA  A N3    1 
ATOM   100 C  C4    . DA  A 1 5  ? 4.093   4.549   -1.991  1.00 19.41 ? 5  DA  A C4    1 
ATOM   101 P  P     . DA  A 1 6  ? 8.505   6.753   1.976   1.00 24.57 ? 6  DA  A P     1 
ATOM   102 O  OP1   . DA  A 1 6  ? 8.768   8.078   2.647   1.00 20.96 ? 6  DA  A OP1   1 
ATOM   103 O  OP2   . DA  A 1 6  ? 9.385   5.598   2.165   1.00 19.97 ? 6  DA  A OP2   1 
ATOM   104 O  "O5'" . DA  A 1 6  ? 7.022   6.332   2.371   1.00 20.65 ? 6  DA  A "O5'" 1 
ATOM   105 C  "C5'" . DA  A 1 6  ? 5.974   7.289   2.468   1.00 20.64 ? 6  DA  A "C5'" 1 
ATOM   106 C  "C4'" . DA  A 1 6  ? 4.707   6.642   2.977   1.00 32.10 ? 6  DA  A "C4'" 1 
ATOM   107 O  "O4'" . DA  A 1 6  ? 4.234   5.673   2.013   1.00 28.48 ? 6  DA  A "O4'" 1 
ATOM   108 C  "C3'" . DA  A 1 6  ? 4.855   5.885   4.296   1.00 22.80 ? 6  DA  A "C3'" 1 
ATOM   109 O  "O3'" . DA  A 1 6  ? 4.009   6.507   5.259   1.00 21.96 ? 6  DA  A "O3'" 1 
ATOM   110 C  "C2'" . DA  A 1 6  ? 4.475   4.453   4.008   1.00 18.84 ? 6  DA  A "C2'" 1 
ATOM   111 C  "C1'" . DA  A 1 6  ? 3.668   4.564   2.736   1.00 22.73 ? 6  DA  A "C1'" 1 
ATOM   112 N  N9    . DA  A 1 6  ? 3.746   3.484   1.762   1.00 18.97 ? 6  DA  A N9    1 
ATOM   113 C  C8    . DA  A 1 6  ? 4.874   2.869   1.273   1.00 21.52 ? 6  DA  A C8    1 
ATOM   114 N  N7    . DA  A 1 6  ? 4.639   1.922   0.398   1.00 24.96 ? 6  DA  A N7    1 
ATOM   115 C  C5    . DA  A 1 6  ? 3.256   1.923   0.311   1.00 23.38 ? 6  DA  A C5    1 
ATOM   116 C  C6    . DA  A 1 6  ? 2.366   1.142   -0.458  1.00 20.14 ? 6  DA  A C6    1 
ATOM   117 N  N6    . DA  A 1 6  ? 2.778   0.196   -1.290  1.00 20.21 ? 6  DA  A N6    1 
ATOM   118 N  N1    . DA  A 1 6  ? 1.058   1.412   -0.298  1.00 21.71 ? 6  DA  A N1    1 
ATOM   119 C  C2    . DA  A 1 6  ? 0.660   2.369   0.545   1.00 22.86 ? 6  DA  A C2    1 
ATOM   120 N  N3    . DA  A 1 6  ? 1.394   3.171   1.321   1.00 21.91 ? 6  DA  A N3    1 
ATOM   121 C  C4    . DA  A 1 6  ? 2.690   2.872   1.135   1.00 22.14 ? 6  DA  A C4    1 
ATOM   122 P  P     . DT  A 1 7  ? 3.902   6.025   6.780   1.00 22.15 ? 7  DT  A P     1 
ATOM   123 O  OP1   . DT  A 1 7  ? 3.490   7.157   7.621   1.00 18.78 ? 7  DT  A OP1   1 
ATOM   124 O  OP2   . DT  A 1 7  ? 5.089   5.190   7.107   1.00 21.71 ? 7  DT  A OP2   1 
ATOM   125 O  "O5'" . DT  A 1 7  ? 2.659   4.996   6.707   1.00 18.49 ? 7  DT  A "O5'" 1 
ATOM   126 C  "C5'" . DT  A 1 7  ? 1.429   5.461   6.135   1.00 21.51 ? 7  DT  A "C5'" 1 
ATOM   127 C  "C4'" . DT  A 1 7  ? 0.501   4.303   5.842   1.00 20.63 ? 7  DT  A "C4'" 1 
ATOM   128 O  "O4'" . DT  A 1 7  ? 1.066   3.459   4.822   1.00 20.27 ? 7  DT  A "O4'" 1 
ATOM   129 C  "C3'" . DT  A 1 7  ? 0.226   3.378   7.034   1.00 24.94 ? 7  DT  A "C3'" 1 
ATOM   130 O  "O3'" . DT  A 1 7  ? -1.060  3.674   7.575   1.00 24.40 ? 7  DT  A "O3'" 1 
ATOM   131 C  "C2'" . DT  A 1 7  ? 0.351   1.980   6.473   1.00 19.32 ? 7  DT  A "C2'" 1 
ATOM   132 C  "C1'" . DT  A 1 7  ? 0.437   2.171   4.973   1.00 26.53 ? 7  DT  A "C1'" 1 
ATOM   133 N  N1    . DT  A 1 7  ? 1.263   1.251   4.192   1.00 23.13 ? 7  DT  A N1    1 
ATOM   134 C  C2    . DT  A 1 7  ? 0.628   0.415   3.290   1.00 22.48 ? 7  DT  A C2    1 
ATOM   135 O  O2    . DT  A 1 7  ? -0.584  0.468   3.176   1.00 24.41 ? 7  DT  A O2    1 
ATOM   136 N  N3    . DT  A 1 7  ? 1.446   -0.425  2.585   1.00 20.98 ? 7  DT  A N3    1 
ATOM   137 C  C4    . DT  A 1 7  ? 2.825   -0.510  2.694   1.00 18.91 ? 7  DT  A C4    1 
ATOM   138 O  O4    . DT  A 1 7  ? 3.436   -1.314  1.995   1.00 20.91 ? 7  DT  A O4    1 
ATOM   139 C  C5    . DT  A 1 7  ? 3.426   0.396   3.656   1.00 17.12 ? 7  DT  A C5    1 
ATOM   140 C  C7    . DT  A 1 7  ? 4.906   0.404   3.871   1.00 20.25 ? 7  DT  A C7    1 
ATOM   141 C  C6    . DT  A 1 7  ? 2.633   1.219   4.349   1.00 20.65 ? 7  DT  A C6    1 
ATOM   142 P  P     . DT  A 1 8  ? -1.660  3.031   8.922   1.00 25.04 ? 8  DT  A P     1 
ATOM   143 O  OP1   . DT  A 1 8  ? -2.756  3.901   9.392   1.00 24.07 ? 8  DT  A OP1   1 
ATOM   144 O  OP2   . DT  A 1 8  ? -0.525  2.664   9.808   1.00 26.99 ? 8  DT  A OP2   1 
ATOM   145 O  "O5'" . DT  A 1 8  ? -2.301  1.671   8.369   1.00 22.55 ? 8  DT  A "O5'" 1 
ATOM   146 C  "C5'" . DT  A 1 8  ? -3.390  1.764   7.442   1.00 26.56 ? 8  DT  A "C5'" 1 
ATOM   147 C  "C4'" . DT  A 1 8  ? -3.731  0.388   6.918   1.00 30.14 ? 8  DT  A "C4'" 1 
ATOM   148 O  "O4'" . DT  A 1 8  ? -2.622  -0.172  6.201   1.00 27.28 ? 8  DT  A "O4'" 1 
ATOM   149 C  "C3'" . DT  A 1 8  ? -4.064  -0.638  8.009   1.00 33.57 ? 8  DT  A "C3'" 1 
ATOM   150 O  "O3'" . DT  A 1 8  ? -5.476  -0.858  7.990   1.00 36.98 ? 8  DT  A "O3'" 1 
ATOM   151 C  "C2'" . DT  A 1 8  ? -3.235  -1.854  7.687   1.00 21.77 ? 8  DT  A "C2'" 1 
ATOM   152 C  "C1'" . DT  A 1 8  ? -2.725  -1.604  6.278   1.00 21.05 ? 8  DT  A "C1'" 1 
ATOM   153 N  N1    . DT  A 1 8  ? -1.391  -2.048  5.888   1.00 20.97 ? 8  DT  A N1    1 
ATOM   154 C  C2    . DT  A 1 8  ? -1.270  -2.919  4.832   1.00 24.23 ? 8  DT  A C2    1 
ATOM   155 O  O2    . DT  A 1 8  ? -2.225  -3.345  4.203   1.00 28.39 ? 8  DT  A O2    1 
ATOM   156 N  N3    . DT  A 1 8  ? 0.008   -3.290  4.521   1.00 23.65 ? 8  DT  A N3    1 
ATOM   157 C  C4    . DT  A 1 8  ? 1.171   -2.870  5.164   1.00 21.79 ? 8  DT  A C4    1 
ATOM   158 O  O4    . DT  A 1 8  ? 2.224   -3.319  4.733   1.00 27.12 ? 8  DT  A O4    1 
ATOM   159 C  C5    . DT  A 1 8  ? 0.986   -1.957  6.261   1.00 23.41 ? 8  DT  A C5    1 
ATOM   160 C  C7    . DT  A 1 8  ? 2.181   -1.451  7.016   1.00 27.86 ? 8  DT  A C7    1 
ATOM   161 C  C6    . DT  A 1 8  ? -0.271  -1.594  6.566   1.00 22.28 ? 8  DT  A C6    1 
ATOM   162 P  P     . DC  A 1 9  ? -6.218  -1.849  9.014   1.00 33.39 ? 9  DC  A P     1 
ATOM   163 O  OP1   . DC  A 1 9  ? -7.644  -1.439  9.082   1.00 30.53 ? 9  DC  A OP1   1 
ATOM   164 O  OP2   . DC  A 1 9  ? -5.421  -1.913  10.265  1.00 27.67 ? 9  DC  A OP2   1 
ATOM   165 O  "O5'" . DC  A 1 9  ? -6.124  -3.262  8.281   1.00 28.02 ? 9  DC  A "O5'" 1 
ATOM   166 C  "C5'" . DC  A 1 9  ? -6.758  -3.388  6.998   1.00 31.47 ? 9  DC  A "C5'" 1 
ATOM   167 C  "C4'" . DC  A 1 9  ? -6.412  -4.721  6.394   1.00 36.77 ? 9  DC  A "C4'" 1 
ATOM   168 O  "O4'" . DC  A 1 9  ? -4.992  -4.766  6.153   1.00 33.30 ? 9  DC  A "O4'" 1 
ATOM   169 C  "C3'" . DC  A 1 9  ? -6.732  -5.926  7.274   1.00 35.26 ? 9  DC  A "C3'" 1 
ATOM   170 O  "O3'" . DC  A 1 9  ? -7.824  -6.637  6.709   1.00 38.74 ? 9  DC  A "O3'" 1 
ATOM   171 C  "C2'" . DC  A 1 9  ? -5.477  -6.754  7.309   1.00 26.88 ? 9  DC  A "C2'" 1 
ATOM   172 C  "C1'" . DC  A 1 9  ? -4.543  -6.123  6.304   1.00 29.03 ? 9  DC  A "C1'" 1 
ATOM   173 N  N1    . DC  A 1 9  ? -3.122  -5.948  6.646   1.00 29.89 ? 9  DC  A N1    1 
ATOM   174 C  C2    . DC  A 1 9  ? -2.156  -6.541  5.835   1.00 28.94 ? 9  DC  A C2    1 
ATOM   175 O  O2    . DC  A 1 9  ? -2.484  -7.213  4.843   1.00 30.75 ? 9  DC  A O2    1 
ATOM   176 N  N3    . DC  A 1 9  ? -0.844  -6.380  6.143   1.00 31.13 ? 9  DC  A N3    1 
ATOM   177 C  C4    . DC  A 1 9  ? -0.502  -5.654  7.214   1.00 33.17 ? 9  DC  A C4    1 
ATOM   178 N  N4    . DC  A 1 9  ? 0.804   -5.526  7.475   1.00 25.50 ? 9  DC  A N4    1 
ATOM   179 C  C5    . DC  A 1 9  ? -1.471  -5.032  8.061   1.00 38.72 ? 9  DC  A C5    1 
ATOM   180 C  C6    . DC  A 1 9  ? -2.762  -5.201  7.741   1.00 33.59 ? 9  DC  A C6    1 
ATOM   181 P  P     . DG  A 1 10 ? -8.821  -7.599  7.500   1.00 39.24 ? 10 DG  A P     1 
ATOM   182 O  OP1   . DG  A 1 10 ? -10.136 -7.484  6.817   1.00 45.63 ? 10 DG  A OP1   1 
ATOM   183 O  OP2   . DG  A 1 10 ? -8.696  -7.394  8.956   1.00 32.37 ? 10 DG  A OP2   1 
ATOM   184 O  "O5'" . DG  A 1 10 ? -8.263  -9.077  7.217   1.00 35.01 ? 10 DG  A "O5'" 1 
ATOM   185 C  "C5'" . DG  A 1 10 ? -7.861  -9.527  5.920   1.00 30.34 ? 10 DG  A "C5'" 1 
ATOM   186 C  "C4'" . DG  A 1 10 ? -6.909  -10.687 6.098   1.00 32.15 ? 10 DG  A "C4'" 1 
ATOM   187 O  "O4'" . DG  A 1 10 ? -5.611  -10.140 6.461   1.00 30.27 ? 10 DG  A "O4'" 1 
ATOM   188 C  "C3'" . DG  A 1 10 ? -7.252  -11.679 7.187   1.00 37.02 ? 10 DG  A "C3'" 1 
ATOM   189 O  "O3'" . DG  A 1 10 ? -6.871  -13.011 6.869   1.00 38.86 ? 10 DG  A "O3'" 1 
ATOM   190 C  "C2'" . DG  A 1 10 ? -6.451  -11.157 8.368   1.00 36.22 ? 10 DG  A "C2'" 1 
ATOM   191 C  "C1'" . DG  A 1 10 ? -5.158  -10.856 7.619   1.00 31.06 ? 10 DG  A "C1'" 1 
ATOM   192 N  N9    . DG  A 1 10 ? -4.163  -10.014 8.283   1.00 26.30 ? 10 DG  A N9    1 
ATOM   193 C  C8    . DG  A 1 10 ? -4.289  -9.125  9.320   1.00 26.86 ? 10 DG  A C8    1 
ATOM   194 N  N7    . DG  A 1 10 ? -3.164  -8.548  9.645   1.00 25.43 ? 10 DG  A N7    1 
ATOM   195 C  C5    . DG  A 1 10 ? -2.238  -9.091  8.766   1.00 30.28 ? 10 DG  A C5    1 
ATOM   196 C  C6    . DG  A 1 10 ? -0.845  -8.856  8.628   1.00 25.52 ? 10 DG  A C6    1 
ATOM   197 O  O6    . DG  A 1 10 ? -0.140  -8.094  9.284   1.00 26.15 ? 10 DG  A O6    1 
ATOM   198 N  N1    . DG  A 1 10 ? -0.297  -9.617  7.612   1.00 25.84 ? 10 DG  A N1    1 
ATOM   199 C  C2    . DG  A 1 10 ? -0.991  -10.498 6.819   1.00 21.58 ? 10 DG  A C2    1 
ATOM   200 N  N2    . DG  A 1 10 ? -0.254  -11.125 5.899   1.00 20.17 ? 10 DG  A N2    1 
ATOM   201 N  N3    . DG  A 1 10 ? -2.293  -10.736 6.927   1.00 24.04 ? 10 DG  A N3    1 
ATOM   202 C  C4    . DG  A 1 10 ? -2.830  -9.996  7.917   1.00 26.95 ? 10 DG  A C4    1 
ATOM   203 P  P     . DC  A 1 11 ? -7.904  -14.179 6.468   1.00 42.41 ? 11 DC  A P     1 
ATOM   204 O  OP1   . DC  A 1 11 ? -8.979  -13.594 5.629   1.00 49.73 ? 11 DC  A OP1   1 
ATOM   205 O  OP2   . DC  A 1 11 ? -8.236  -14.936 7.699   1.00 50.00 ? 11 DC  A OP2   1 
ATOM   206 O  "O5'" . DC  A 1 11 ? -7.018  -15.107 5.518   1.00 39.99 ? 11 DC  A "O5'" 1 
ATOM   207 C  "C5'" . DC  A 1 11 ? -6.680  -14.552 4.236   1.00 37.72 ? 11 DC  A "C5'" 1 
ATOM   208 C  "C4'" . DC  A 1 11 ? -5.270  -14.935 3.896   1.00 42.22 ? 11 DC  A "C4'" 1 
ATOM   209 O  "O4'" . DC  A 1 11 ? -4.329  -14.344 4.824   1.00 45.83 ? 11 DC  A "O4'" 1 
ATOM   210 C  "C3'" . DC  A 1 11 ? -4.978  -16.427 3.987   1.00 35.27 ? 11 DC  A "C3'" 1 
ATOM   211 O  "O3'" . DC  A 1 11 ? -3.993  -16.752 3.027   1.00 36.34 ? 11 DC  A "O3'" 1 
ATOM   212 C  "C2'" . DC  A 1 11 ? -4.539  -16.577 5.424   1.00 44.51 ? 11 DC  A "C2'" 1 
ATOM   213 C  "C1'" . DC  A 1 11 ? -3.615  -15.377 5.526   1.00 41.13 ? 11 DC  A "C1'" 1 
ATOM   214 N  N1    . DC  A 1 11 ? -3.344  -14.757 6.820   1.00 29.74 ? 11 DC  A N1    1 
ATOM   215 C  C2    . DC  A 1 11 ? -2.080  -14.222 7.059   1.00 27.43 ? 11 DC  A C2    1 
ATOM   216 O  O2    . DC  A 1 11 ? -1.193  -14.268 6.204   1.00 29.80 ? 11 DC  A O2    1 
ATOM   217 N  N3    . DC  A 1 11 ? -1.827  -13.645 8.247   1.00 28.39 ? 11 DC  A N3    1 
ATOM   218 C  C4    . DC  A 1 11 ? -2.767  -13.586 9.175   1.00 24.55 ? 11 DC  A C4    1 
ATOM   219 N  N4    . DC  A 1 11 ? -2.440  -13.004 10.318  1.00 24.71 ? 11 DC  A N4    1 
ATOM   220 C  C5    . DC  A 1 11 ? -4.070  -14.121 8.965   1.00 36.34 ? 11 DC  A C5    1 
ATOM   221 C  C6    . DC  A 1 11 ? -4.312  -14.692 7.777   1.00 37.29 ? 11 DC  A C6    1 
ATOM   222 P  P     . DG  A 1 12 ? -3.833  -18.134 2.251   1.00 35.90 ? 12 DG  A P     1 
ATOM   223 O  OP1   . DG  A 1 12 ? -3.250  -17.820 0.919   1.00 41.21 ? 12 DG  A OP1   1 
ATOM   224 O  OP2   . DG  A 1 12 ? -5.102  -18.887 2.348   1.00 35.62 ? 12 DG  A OP2   1 
ATOM   225 O  "O5'" . DG  A 1 12 ? -2.733  -18.904 3.108   1.00 34.21 ? 12 DG  A "O5'" 1 
ATOM   226 C  "C5'" . DG  A 1 12 ? -1.341  -18.601 2.981   1.00 26.94 ? 12 DG  A "C5'" 1 
ATOM   227 C  "C4'" . DG  A 1 12 ? -0.617  -19.035 4.230   1.00 30.11 ? 12 DG  A "C4'" 1 
ATOM   228 O  "O4'" . DG  A 1 12 ? -0.959  -18.187 5.346   1.00 25.06 ? 12 DG  A "O4'" 1 
ATOM   229 C  "C3'" . DG  A 1 12 ? -0.969  -20.429 4.726   1.00 30.48 ? 12 DG  A "C3'" 1 
ATOM   230 O  "O3'" . DG  A 1 12 ? -0.067  -21.384 4.168   1.00 26.68 ? 12 DG  A "O3'" 1 
ATOM   231 C  "C2'" . DG  A 1 12 ? -0.862  -20.362 6.228   1.00 23.46 ? 12 DG  A "C2'" 1 
ATOM   232 C  "C1'" . DG  A 1 12 ? -0.603  -18.908 6.536   1.00 24.91 ? 12 DG  A "C1'" 1 
ATOM   233 N  N9    . DG  A 1 12 ? -1.393  -18.317 7.634   1.00 28.32 ? 12 DG  A N9    1 
ATOM   234 C  C8    . DG  A 1 12 ? -2.739  -18.410 7.891   1.00 23.95 ? 12 DG  A C8    1 
ATOM   235 N  N7    . DG  A 1 12 ? -3.095  -17.745 8.971   1.00 26.37 ? 12 DG  A N7    1 
ATOM   236 C  C5    . DG  A 1 12 ? -1.918  -17.184 9.449   1.00 31.40 ? 12 DG  A C5    1 
ATOM   237 C  C6    . DG  A 1 12 ? -1.677  -16.364 10.580  1.00 18.88 ? 12 DG  A C6    1 
ATOM   238 O  O6    . DG  A 1 12 ? -2.446  -15.927 11.446  1.00 24.08 ? 12 DG  A O6    1 
ATOM   239 N  N1    . DG  A 1 12 ? -0.334  -16.027 10.682  1.00 20.85 ? 12 DG  A N1    1 
ATOM   240 C  C2    . DG  A 1 12 ? 0.652   -16.422 9.816   1.00 20.51 ? 12 DG  A C2    1 
ATOM   241 N  N2    . DG  A 1 12 ? 1.871   -15.963 10.132  1.00 22.17 ? 12 DG  A N2    1 
ATOM   242 N  N3    . DG  A 1 12 ? 0.459   -17.183 8.756   1.00 18.44 ? 12 DG  A N3    1 
ATOM   243 C  C4    . DG  A 1 12 ? -0.851  -17.527 8.635   1.00 31.96 ? 12 DG  A C4    1 
ATOM   244 O  "O5'" . DC  B 1 1  ? 4.871   -13.095 18.449  1.00 43.70 ? 13 DC  B "O5'" 1 
ATOM   245 C  "C5'" . DC  B 1 1  ? 4.191   -12.157 17.614  1.00 28.42 ? 13 DC  B "C5'" 1 
ATOM   246 C  "C4'" . DC  B 1 1  ? 4.708   -12.298 16.202  1.00 28.92 ? 13 DC  B "C4'" 1 
ATOM   247 O  "O4'" . DC  B 1 1  ? 3.952   -13.368 15.567  1.00 25.55 ? 13 DC  B "O4'" 1 
ATOM   248 C  "C3'" . DC  B 1 1  ? 4.545   -11.105 15.293  1.00 30.54 ? 13 DC  B "C3'" 1 
ATOM   249 O  "O3'" . DC  B 1 1  ? 5.481   -11.072 14.225  1.00 32.24 ? 13 DC  B "O3'" 1 
ATOM   250 C  "C2'" . DC  B 1 1  ? 3.156   -11.300 14.731  1.00 30.43 ? 13 DC  B "C2'" 1 
ATOM   251 C  "C1'" . DC  B 1 1  ? 3.195   -12.814 14.504  1.00 22.48 ? 13 DC  B "C1'" 1 
ATOM   252 N  N1    . DC  B 1 1  ? 1.858   -13.410 14.499  1.00 22.57 ? 13 DC  B N1    1 
ATOM   253 C  C2    . DC  B 1 1  ? 1.453   -14.034 13.317  1.00 25.07 ? 13 DC  B C2    1 
ATOM   254 O  O2    . DC  B 1 1  ? 2.240   -14.040 12.373  1.00 24.20 ? 13 DC  B O2    1 
ATOM   255 N  N3    . DC  B 1 1  ? 0.230   -14.592 13.268  1.00 24.08 ? 13 DC  B N3    1 
ATOM   256 C  C4    . DC  B 1 1  ? -0.585  -14.553 14.326  1.00 20.69 ? 13 DC  B C4    1 
ATOM   257 N  N4    . DC  B 1 1  ? -1.776  -15.144 14.166  1.00 25.40 ? 13 DC  B N4    1 
ATOM   258 C  C5    . DC  B 1 1  ? -0.198  -13.929 15.535  1.00 19.93 ? 13 DC  B C5    1 
ATOM   259 C  C6    . DC  B 1 1  ? 1.026   -13.372 15.575  1.00 22.09 ? 13 DC  B C6    1 
ATOM   260 P  P     . DG  B 1 2  ? 6.721   -10.045 14.224  1.00 32.32 ? 14 DG  B P     1 
ATOM   261 O  OP1   . DG  B 1 2  ? 7.548   -10.372 15.398  1.00 25.50 ? 14 DG  B OP1   1 
ATOM   262 O  OP2   . DG  B 1 2  ? 6.203   -8.677  13.997  1.00 32.91 ? 14 DG  B OP2   1 
ATOM   263 O  "O5'" . DG  B 1 2  ? 7.521   -10.475 12.909  1.00 28.73 ? 14 DG  B "O5'" 1 
ATOM   264 C  "C5'" . DG  B 1 2  ? 8.032   -11.816 12.811  1.00 27.81 ? 14 DG  B "C5'" 1 
ATOM   265 C  "C4'" . DG  B 1 2  ? 7.678   -12.354 11.449  1.00 29.30 ? 14 DG  B "C4'" 1 
ATOM   266 O  "O4'" . DG  B 1 2  ? 6.292   -12.733 11.425  1.00 30.02 ? 14 DG  B "O4'" 1 
ATOM   267 C  "C3'" . DG  B 1 2  ? 7.869   -11.342 10.330  1.00 28.06 ? 14 DG  B "C3'" 1 
ATOM   268 O  "O3'" . DG  B 1 2  ? 9.011   -11.679 9.543   1.00 26.71 ? 14 DG  B "O3'" 1 
ATOM   269 C  "C2'" . DG  B 1 2  ? 6.624   -11.413 9.505   1.00 28.25 ? 14 DG  B "C2'" 1 
ATOM   270 C  "C1'" . DG  B 1 2  ? 5.732   -12.426 10.147  1.00 26.57 ? 14 DG  B "C1'" 1 
ATOM   271 N  N9    . DG  B 1 2  ? 4.358   -11.977 10.460  1.00 25.08 ? 14 DG  B N9    1 
ATOM   272 C  C8    . DG  B 1 2  ? 3.972   -11.133 11.468  1.00 27.55 ? 14 DG  B C8    1 
ATOM   273 N  N7    . DG  B 1 2  ? 2.685   -10.921 11.495  1.00 34.29 ? 14 DG  B N7    1 
ATOM   274 C  C5    . DG  B 1 2  ? 2.197   -11.677 10.436  1.00 25.82 ? 14 DG  B C5    1 
ATOM   275 C  C6    . DG  B 1 2  ? 0.876   -11.844 9.974   1.00 17.23 ? 14 DG  B C6    1 
ATOM   276 O  O6    . DG  B 1 2  ? -0.151  -11.325 10.444  1.00 23.18 ? 14 DG  B O6    1 
ATOM   277 N  N1    . DG  B 1 2  ? 0.810   -12.691 8.879   1.00 19.72 ? 14 DG  B N1    1 
ATOM   278 C  C2    . DG  B 1 2  ? 1.893   -13.304 8.299   1.00 25.80 ? 14 DG  B C2    1 
ATOM   279 N  N2    . DG  B 1 2  ? 1.651   -14.095 7.240   1.00 27.12 ? 14 DG  B N2    1 
ATOM   280 N  N3    . DG  B 1 2  ? 3.137   -13.158 8.720   1.00 23.71 ? 14 DG  B N3    1 
ATOM   281 C  C4    . DG  B 1 2  ? 3.221   -12.339 9.783   1.00 23.83 ? 14 DG  B C4    1 
ATOM   282 P  P     . DC  B 1 3  ? 9.511   -10.707 8.354   1.00 29.13 ? 15 DC  B P     1 
ATOM   283 O  OP1   . DC  B 1 3  ? 10.892  -11.122 8.014   1.00 27.72 ? 15 DC  B OP1   1 
ATOM   284 O  OP2   . DC  B 1 3  ? 9.224   -9.314  8.810   1.00 30.26 ? 15 DC  B OP2   1 
ATOM   285 O  "O5'" . DC  B 1 3  ? 8.562   -11.019 7.139   1.00 26.48 ? 15 DC  B "O5'" 1 
ATOM   286 C  "C5'" . DC  B 1 3  ? 8.598   -12.199 6.332   1.00 18.39 ? 15 DC  B "C5'" 1 
ATOM   287 C  "C4'" . DC  B 1 3  ? 7.325   -12.209 5.506   1.00 26.44 ? 15 DC  B "C4'" 1 
ATOM   288 O  "O4'" . DC  B 1 3  ? 6.166   -11.972 6.315   1.00 24.30 ? 15 DC  B "O4'" 1 
ATOM   289 C  "C3'" . DC  B 1 3  ? 7.291   -11.122 4.435   1.00 20.28 ? 15 DC  B "C3'" 1 
ATOM   290 O  "O3'" . DC  B 1 3  ? 7.871   -11.657 3.253   1.00 23.75 ? 15 DC  B "O3'" 1 
ATOM   291 C  "C2'" . DC  B 1 3  ? 5.844   -10.773 4.287   1.00 31.43 ? 15 DC  B "C2'" 1 
ATOM   292 C  "C1'" . DC  B 1 3  ? 5.161   -11.340 5.508   1.00 24.90 ? 15 DC  B "C1'" 1 
ATOM   293 N  N1    . DC  B 1 3  ? 4.553   -10.378 6.426   1.00 19.20 ? 15 DC  B N1    1 
ATOM   294 C  C2    . DC  B 1 3  ? 3.158   -10.344 6.540   1.00 21.79 ? 15 DC  B C2    1 
ATOM   295 O  O2    . DC  B 1 3  ? 2.490   -11.133 5.851   1.00 25.87 ? 15 DC  B O2    1 
ATOM   296 N  N3    . DC  B 1 3  ? 2.575   -9.464  7.380   1.00 31.33 ? 15 DC  B N3    1 
ATOM   297 C  C4    . DC  B 1 3  ? 3.314   -8.624  8.111   1.00 30.30 ? 15 DC  B C4    1 
ATOM   298 N  N4    . DC  B 1 3  ? 2.682   -7.781  8.923   1.00 26.82 ? 15 DC  B N4    1 
ATOM   299 C  C5    . DC  B 1 3  ? 4.739   -8.638  8.017   1.00 28.66 ? 15 DC  B C5    1 
ATOM   300 C  C6    . DC  B 1 3  ? 5.295   -9.518  7.173   1.00 26.09 ? 15 DC  B C6    1 
ATOM   301 P  P     . DG  B 1 4  ? 8.116   -10.686 1.983   1.00 35.10 ? 16 DG  B P     1 
ATOM   302 O  OP1   . DG  B 1 4  ? 9.175   -11.323 1.162   1.00 47.47 ? 16 DG  B OP1   1 
ATOM   303 O  OP2   . DG  B 1 4  ? 8.265   -9.313  2.516   1.00 35.03 ? 16 DG  B OP2   1 
ATOM   304 O  "O5'" . DG  B 1 4  ? 6.746   -10.747 1.157   1.00 28.71 ? 16 DG  B "O5'" 1 
ATOM   305 C  "C5'" . DG  B 1 4  ? 6.285   -12.011 0.672   1.00 32.27 ? 16 DG  B "C5'" 1 
ATOM   306 C  "C4'" . DG  B 1 4  ? 4.872   -11.906 0.148   1.00 37.45 ? 16 DG  B "C4'" 1 
ATOM   307 O  "O4'" . DG  B 1 4  ? 4.014   -11.327 1.164   1.00 34.11 ? 16 DG  B "O4'" 1 
ATOM   308 C  "C3'" . DG  B 1 4  ? 4.717   -11.032 -1.091  1.00 45.34 ? 16 DG  B "C3'" 1 
ATOM   309 O  "O3'" . DG  B 1 4  ? 3.835   -11.654 -2.028  1.00 41.99 ? 16 DG  B "O3'" 1 
ATOM   310 C  "C2'" . DG  B 1 4  ? 4.176   -9.725  -0.580  1.00 43.55 ? 16 DG  B "C2'" 1 
ATOM   311 C  "C1'" . DG  B 1 4  ? 3.463   -10.101 0.704   1.00 37.60 ? 16 DG  B "C1'" 1 
ATOM   312 N  N9    . DG  B 1 4  ? 3.638   -9.144  1.815   1.00 33.48 ? 16 DG  B N9    1 
ATOM   313 C  C8    . DG  B 1 4  ? 4.741   -8.447  2.230   1.00 31.90 ? 16 DG  B C8    1 
ATOM   314 N  N7    . DG  B 1 4  ? 4.511   -7.684  3.266   1.00 32.25 ? 16 DG  B N7    1 
ATOM   315 C  C5    . DG  B 1 4  ? 3.166   -7.887  3.558   1.00 28.08 ? 16 DG  B C5    1 
ATOM   316 C  C6    . DG  B 1 4  ? 2.327   -7.347  4.564   1.00 29.74 ? 16 DG  B C6    1 
ATOM   317 O  O6    . DG  B 1 4  ? 2.605   -6.537  5.452   1.00 30.28 ? 16 DG  B O6    1 
ATOM   318 N  N1    . DG  B 1 4  ? 1.018   -7.832  4.495   1.00 24.36 ? 16 DG  B N1    1 
ATOM   319 C  C2    . DG  B 1 4  ? 0.588   -8.734  3.556   1.00 30.05 ? 16 DG  B C2    1 
ATOM   320 N  N2    . DG  B 1 4  ? -0.700  -9.093  3.632   1.00 30.93 ? 16 DG  B N2    1 
ATOM   321 N  N3    . DG  B 1 4  ? 1.347   -9.252  2.609   1.00 29.60 ? 16 DG  B N3    1 
ATOM   322 C  C4    . DG  B 1 4  ? 2.615   -8.785  2.674   1.00 30.81 ? 16 DG  B C4    1 
ATOM   323 P  P     . DA  B 1 5  ? 3.202   -10.824 -3.248  1.00 44.24 ? 17 DA  B P     1 
ATOM   324 O  OP1   . DA  B 1 5  ? 2.964   -11.773 -4.362  1.00 61.30 ? 17 DA  B OP1   1 
ATOM   325 O  OP2   . DA  B 1 5  ? 4.043   -9.623  -3.489  1.00 35.59 ? 17 DA  B OP2   1 
ATOM   326 O  "O5'" . DA  B 1 5  ? 1.800   -10.344 -2.673  1.00 48.32 ? 17 DA  B "O5'" 1 
ATOM   327 C  "C5'" . DA  B 1 5  ? 0.899   -11.251 -2.034  1.00 40.38 ? 17 DA  B "C5'" 1 
ATOM   328 C  "C4'" . DA  B 1 5  ? -0.467  -10.617 -1.906  1.00 45.85 ? 17 DA  B "C4'" 1 
ATOM   329 O  "O4'" . DA  B 1 5  ? -0.456  -9.702  -0.792  1.00 38.26 ? 17 DA  B "O4'" 1 
ATOM   330 C  "C3'" . DA  B 1 5  ? -0.919  -9.808  -3.117  1.00 47.79 ? 17 DA  B "C3'" 1 
ATOM   331 O  "O3'" . DA  B 1 5  ? -2.285  -10.104 -3.409  1.00 51.03 ? 17 DA  B "O3'" 1 
ATOM   332 C  "C2'" . DA  B 1 5  ? -0.703  -8.369  -2.729  1.00 39.96 ? 17 DA  B "C2'" 1 
ATOM   333 C  "C1'" . DA  B 1 5  ? -0.718  -8.372  -1.222  1.00 35.71 ? 17 DA  B "C1'" 1 
ATOM   334 N  N9    . DA  B 1 5  ? 0.333   -7.565  -0.579  1.00 34.03 ? 17 DA  B N9    1 
ATOM   335 C  C8    . DA  B 1 5  ? 1.651   -7.438  -0.949  1.00 36.52 ? 17 DA  B C8    1 
ATOM   336 N  N7    . DA  B 1 5  ? 2.350   -6.637  -0.169  1.00 27.62 ? 17 DA  B N7    1 
ATOM   337 C  C5    . DA  B 1 5  ? 1.416   -6.219  0.767   1.00 25.21 ? 17 DA  B C5    1 
ATOM   338 C  C6    . DA  B 1 5  ? 1.511   -5.356  1.874   1.00 24.92 ? 17 DA  B C6    1 
ATOM   339 N  N6    . DA  B 1 5  ? 2.655   -4.747  2.215   1.00 27.16 ? 17 DA  B N6    1 
ATOM   340 N  N1    . DA  B 1 5  ? 0.395   -5.156  2.596   1.00 25.73 ? 17 DA  B N1    1 
ATOM   341 C  C2    . DA  B 1 5  ? -0.743  -5.769  2.246   1.00 32.77 ? 17 DA  B C2    1 
ATOM   342 N  N3    . DA  B 1 5  ? -0.955  -6.602  1.225   1.00 29.06 ? 17 DA  B N3    1 
ATOM   343 C  C4    . DA  B 1 5  ? 0.171   -6.781  0.529   1.00 22.10 ? 17 DA  B C4    1 
ATOM   344 P  P     . DA  B 1 6  ? -3.192  -9.294  -4.447  1.00 49.89 ? 18 DA  B P     1 
ATOM   345 O  OP1   . DA  B 1 6  ? -4.323  -10.179 -4.836  1.00 76.35 ? 18 DA  B OP1   1 
ATOM   346 O  OP2   . DA  B 1 6  ? -2.341  -8.722  -5.515  1.00 40.75 ? 18 DA  B OP2   1 
ATOM   347 O  "O5'" . DA  B 1 6  ? -3.780  -8.078  -3.590  1.00 34.96 ? 18 DA  B "O5'" 1 
ATOM   348 C  "C5'" . DA  B 1 6  ? -4.520  -8.296  -2.390  1.00 25.17 ? 18 DA  B "C5'" 1 
ATOM   349 C  "C4'" . DA  B 1 6  ? -4.683  -7.020  -1.601  1.00 37.64 ? 18 DA  B "C4'" 1 
ATOM   350 O  "O4'" . DA  B 1 6  ? -3.409  -6.495  -1.144  1.00 31.65 ? 18 DA  B "O4'" 1 
ATOM   351 C  "C3'" . DA  B 1 6  ? -5.335  -5.893  -2.406  1.00 30.04 ? 18 DA  B "C3'" 1 
ATOM   352 O  "O3'" . DA  B 1 6  ? -6.645  -5.684  -1.890  1.00 27.77 ? 18 DA  B "O3'" 1 
ATOM   353 C  "C2'" . DA  B 1 6  ? -4.439  -4.697  -2.249  1.00 34.76 ? 18 DA  B "C2'" 1 
ATOM   354 C  "C1'" . DA  B 1 6  ? -3.495  -5.065  -1.126  1.00 34.84 ? 18 DA  B "C1'" 1 
ATOM   355 N  N9    . DA  B 1 6  ? -2.094  -4.630  -1.224  1.00 29.47 ? 18 DA  B N9    1 
ATOM   356 C  C8    . DA  B 1 6  ? -1.158  -4.960  -2.172  1.00 24.68 ? 18 DA  B C8    1 
ATOM   357 N  N7    . DA  B 1 6  ? 0.011   -4.397  -1.970  1.00 22.89 ? 18 DA  B N7    1 
ATOM   358 C  C5    . DA  B 1 6  ? -0.171  -3.657  -0.821  1.00 26.51 ? 18 DA  B C5    1 
ATOM   359 C  C6    . DA  B 1 6  ? 0.698   -2.829  -0.082  1.00 21.22 ? 18 DA  B C6    1 
ATOM   360 N  N6    . DA  B 1 6  ? 1.964   -2.611  -0.420  1.00 23.10 ? 18 DA  B N6    1 
ATOM   361 N  N1    . DA  B 1 6  ? 0.183   -2.243  1.017   1.00 22.83 ? 18 DA  B N1    1 
ATOM   362 C  C2    . DA  B 1 6  ? -1.096  -2.465  1.355   1.00 28.64 ? 18 DA  B C2    1 
ATOM   363 N  N3    . DA  B 1 6  ? -2.010  -3.222  0.743   1.00 25.48 ? 18 DA  B N3    1 
ATOM   364 C  C4    . DA  B 1 6  ? -1.463  -3.788  -0.345  1.00 25.94 ? 18 DA  B C4    1 
ATOM   365 P  P     . DT  B 1 7  ? -7.642  -4.580  -2.493  1.00 34.83 ? 19 DT  B P     1 
ATOM   366 O  OP1   . DT  B 1 7  ? -8.958  -4.802  -1.834  1.00 38.10 ? 19 DT  B OP1   1 
ATOM   367 O  OP2   . DT  B 1 7  ? -7.445  -4.510  -3.951  1.00 33.48 ? 19 DT  B OP2   1 
ATOM   368 O  "O5'" . DT  B 1 7  ? -7.061  -3.208  -1.875  1.00 43.18 ? 19 DT  B "O5'" 1 
ATOM   369 C  "C5'" . DT  B 1 7  ? -7.134  -3.004  -0.459  1.00 37.30 ? 19 DT  B "C5'" 1 
ATOM   370 C  "C4'" . DT  B 1 7  ? -6.473  -1.706  -0.072  1.00 25.27 ? 19 DT  B "C4'" 1 
ATOM   371 O  "O4'" . DT  B 1 7  ? -5.079  -1.745  -0.424  1.00 21.97 ? 19 DT  B "O4'" 1 
ATOM   372 C  "C3'" . DT  B 1 7  ? -7.026  -0.461  -0.771  1.00 30.88 ? 19 DT  B "C3'" 1 
ATOM   373 O  "O3'" . DT  B 1 7  ? -7.751  0.301   0.179   1.00 30.51 ? 19 DT  B "O3'" 1 
ATOM   374 C  "C2'" . DT  B 1 7  ? -5.815  0.255   -1.328  1.00 28.79 ? 19 DT  B "C2'" 1 
ATOM   375 C  "C1'" . DT  B 1 7  ? -4.667  -0.368  -0.558  1.00 22.71 ? 19 DT  B "C1'" 1 
ATOM   376 N  N1    . DT  B 1 7  ? -3.357  -0.447  -1.172  1.00 19.77 ? 19 DT  B N1    1 
ATOM   377 C  C2    . DT  B 1 7  ? -2.264  0.148   -0.561  1.00 20.49 ? 19 DT  B C2    1 
ATOM   378 O  O2    . DT  B 1 7  ? -2.306  0.768   0.496   1.00 23.40 ? 19 DT  B O2    1 
ATOM   379 N  N3    . DT  B 1 7  ? -1.083  0.004   -1.241  1.00 22.76 ? 19 DT  B N3    1 
ATOM   380 C  C4    . DT  B 1 7  ? -0.858  -0.654  -2.432  1.00 25.77 ? 19 DT  B C4    1 
ATOM   381 O  O4    . DT  B 1 7  ? 0.255   -0.719  -2.949  1.00 31.18 ? 19 DT  B O4    1 
ATOM   382 C  C5    . DT  B 1 7  ? -2.045  -1.259  -3.019  1.00 24.45 ? 19 DT  B C5    1 
ATOM   383 C  C7    . DT  B 1 7  ? -1.885  -1.991  -4.310  1.00 25.16 ? 19 DT  B C7    1 
ATOM   384 C  C6    . DT  B 1 7  ? -3.197  -1.122  -2.364  1.00 23.23 ? 19 DT  B C6    1 
ATOM   385 P  P     . DT  B 1 8  ? -8.595  1.611   -0.152  1.00 32.85 ? 20 DT  B P     1 
ATOM   386 O  OP1   . DT  B 1 8  ? -9.676  1.717   0.855   1.00 29.62 ? 20 DT  B OP1   1 
ATOM   387 O  OP2   . DT  B 1 8  ? -8.868  1.609   -1.615  1.00 30.15 ? 20 DT  B OP2   1 
ATOM   388 O  "O5'" . DT  B 1 8  ? -7.598  2.845   0.114   1.00 23.98 ? 20 DT  B "O5'" 1 
ATOM   389 C  "C5'" . DT  B 1 8  ? -7.034  3.032   1.416   1.00 30.21 ? 20 DT  B "C5'" 1 
ATOM   390 C  "C4'" . DT  B 1 8  ? -5.878  3.999   1.345   1.00 25.44 ? 20 DT  B "C4'" 1 
ATOM   391 O  "O4'" . DT  B 1 8  ? -4.793  3.456   0.572   1.00 24.95 ? 20 DT  B "O4'" 1 
ATOM   392 C  "C3'" . DT  B 1 8  ? -6.215  5.339   0.674   1.00 19.30 ? 20 DT  B "C3'" 1 
ATOM   393 O  "O3'" . DT  B 1 8  ? -6.254  6.338   1.685   1.00 28.66 ? 20 DT  B "O3'" 1 
ATOM   394 C  "C2'" . DT  B 1 8  ? -5.146  5.563   -0.367  1.00 20.55 ? 20 DT  B "C2'" 1 
ATOM   395 C  "C1'" . DT  B 1 8  ? -4.073  4.558   -0.026  1.00 21.16 ? 20 DT  B "C1'" 1 
ATOM   396 N  N1    . DT  B 1 8  ? -3.303  3.957   -1.116  1.00 19.67 ? 20 DT  B N1    1 
ATOM   397 C  C2    . DT  B 1 8  ? -1.946  4.187   -1.171  1.00 22.17 ? 20 DT  B C2    1 
ATOM   398 O  O2    . DT  B 1 8  ? -1.371  4.881   -0.337  1.00 21.49 ? 20 DT  B O2    1 
ATOM   399 N  N3    . DT  B 1 8  ? -1.307  3.585   -2.223  1.00 23.04 ? 20 DT  B N3    1 
ATOM   400 C  C4    . DT  B 1 8  ? -1.881  2.793   -3.203  1.00 18.24 ? 20 DT  B C4    1 
ATOM   401 O  O4    . DT  B 1 8  ? -1.210  2.308   -4.098  1.00 24.79 ? 20 DT  B O4    1 
ATOM   402 C  C5    . DT  B 1 8  ? -3.313  2.589   -3.089  1.00 22.09 ? 20 DT  B C5    1 
ATOM   403 C  C7    . DT  B 1 8  ? -4.023  1.748   -4.099  1.00 34.41 ? 20 DT  B C7    1 
ATOM   404 C  C6    . DT  B 1 8  ? -3.941  3.174   -2.063  1.00 21.95 ? 20 DT  B C6    1 
ATOM   405 P  P     . DC  B 1 9  ? -6.684  7.861   1.406   1.00 32.42 ? 21 DC  B P     1 
ATOM   406 O  OP1   . DC  B 1 9  ? -7.079  8.468   2.699   1.00 40.86 ? 21 DC  B OP1   1 
ATOM   407 O  OP2   . DC  B 1 9  ? -7.555  7.880   0.203   1.00 34.04 ? 21 DC  B OP2   1 
ATOM   408 O  "O5'" . DC  B 1 9  ? -5.291  8.536   0.984   1.00 22.73 ? 21 DC  B "O5'" 1 
ATOM   409 C  "C5'" . DC  B 1 9  ? -4.225  8.478   1.947   1.00 22.55 ? 21 DC  B "C5'" 1 
ATOM   410 C  "C4'" . DC  B 1 9  ? -2.996  9.084   1.300   1.00 18.17 ? 21 DC  B "C4'" 1 
ATOM   411 O  "O4'" . DC  B 1 9  ? -2.517  8.250   0.243   1.00 22.12 ? 21 DC  B "O4'" 1 
ATOM   412 C  "C3'" . DC  B 1 9  ? -3.269  10.450  0.680   1.00 23.20 ? 21 DC  B "C3'" 1 
ATOM   413 O  "O3'" . DC  B 1 9  ? -2.443  11.408  1.334   1.00 21.97 ? 21 DC  B "O3'" 1 
ATOM   414 C  "C2'" . DC  B 1 9  ? -2.960  10.290  -0.783  1.00 30.41 ? 21 DC  B "C2'" 1 
ATOM   415 C  "C1'" . DC  B 1 9  ? -2.052  9.090   -0.843  1.00 23.25 ? 21 DC  B "C1'" 1 
ATOM   416 N  N1    . DC  B 1 9  ? -2.099  8.166   -1.974  1.00 20.37 ? 21 DC  B N1    1 
ATOM   417 C  C2    . DC  B 1 9  ? -0.922  7.767   -2.605  1.00 18.87 ? 21 DC  B C2    1 
ATOM   418 O  O2    . DC  B 1 9  ? 0.180   8.191   -2.229  1.00 21.54 ? 21 DC  B O2    1 
ATOM   419 N  N3    . DC  B 1 9  ? -0.975  6.904   -3.650  1.00 19.29 ? 21 DC  B N3    1 
ATOM   420 C  C4    . DC  B 1 9  ? -2.158  6.439   -4.070  1.00 21.99 ? 21 DC  B C4    1 
ATOM   421 N  N4    . DC  B 1 9  ? -2.136  5.592   -5.107  1.00 22.31 ? 21 DC  B N4    1 
ATOM   422 C  C5    . DC  B 1 9  ? -3.385  6.822   -3.446  1.00 19.94 ? 21 DC  B C5    1 
ATOM   423 C  C6    . DC  B 1 9  ? -3.317  7.676   -2.413  1.00 19.35 ? 21 DC  B C6    1 
ATOM   424 P  P     . DG  B 1 10 ? -2.654  12.987  1.196   1.00 23.64 ? 22 DG  B P     1 
ATOM   425 O  OP1   . DG  B 1 10 ? -2.041  13.607  2.409   1.00 27.03 ? 22 DG  B OP1   1 
ATOM   426 O  OP2   . DG  B 1 10 ? -4.053  13.281  0.847   1.00 27.45 ? 22 DG  B OP2   1 
ATOM   427 O  "O5'" . DG  B 1 10 ? -1.739  13.343  -0.052  1.00 22.97 ? 22 DG  B "O5'" 1 
ATOM   428 C  "C5'" . DG  B 1 10 ? -0.305  13.255  0.027   1.00 20.81 ? 22 DG  B "C5'" 1 
ATOM   429 C  "C4'" . DG  B 1 10 ? 0.264   13.457  -1.356  1.00 23.12 ? 22 DG  B "C4'" 1 
ATOM   430 O  "O4'" . DG  B 1 10 ? -0.078  12.308  -2.199  1.00 20.14 ? 22 DG  B "O4'" 1 
ATOM   431 C  "C3'" . DG  B 1 10 ? -0.244  14.660  -2.128  1.00 23.91 ? 22 DG  B "C3'" 1 
ATOM   432 O  "O3'" . DG  B 1 10 ? 0.801   15.299  -2.837  1.00 26.05 ? 22 DG  B "O3'" 1 
ATOM   433 C  "C2'" . DG  B 1 10 ? -1.251  14.088  -3.094  1.00 20.41 ? 22 DG  B "C2'" 1 
ATOM   434 C  "C1'" . DG  B 1 10 ? -0.484  12.826  -3.474  1.00 21.01 ? 22 DG  B "C1'" 1 
ATOM   435 N  N9    . DG  B 1 10 ? -1.223  11.773  -4.155  1.00 19.33 ? 22 DG  B N9    1 
ATOM   436 C  C8    . DG  B 1 10 ? -2.572  11.501  -4.084  1.00 19.91 ? 22 DG  B C8    1 
ATOM   437 N  N7    . DG  B 1 10 ? -2.937  10.481  -4.819  1.00 19.95 ? 22 DG  B N7    1 
ATOM   438 C  C5    . DG  B 1 10 ? -1.769  10.052  -5.411  1.00 18.29 ? 22 DG  B C5    1 
ATOM   439 C  C6    . DG  B 1 10 ? -1.526  8.981   -6.316  1.00 17.61 ? 22 DG  B C6    1 
ATOM   440 O  O6    . DG  B 1 10 ? -2.339  8.178   -6.782  1.00 21.07 ? 22 DG  B O6    1 
ATOM   441 N  N1    . DG  B 1 10 ? -0.174  8.899   -6.671  1.00 17.25 ? 22 DG  B N1    1 
ATOM   442 C  C2    . DG  B 1 10 ? 0.806   9.740   -6.209  1.00 19.74 ? 22 DG  B C2    1 
ATOM   443 N  N2    . DG  B 1 10 ? 2.056   9.523   -6.649  1.00 15.82 ? 22 DG  B N2    1 
ATOM   444 N  N3    . DG  B 1 10 ? 0.585   10.737  -5.367  1.00 23.31 ? 22 DG  B N3    1 
ATOM   445 C  C4    . DG  B 1 10 ? -0.704  10.838  -5.012  1.00 18.64 ? 22 DG  B C4    1 
ATOM   446 P  P     . DC  B 1 11 ? 0.968   16.873  -2.989  1.00 31.40 ? 23 DC  B P     1 
ATOM   447 O  OP1   . DC  B 1 11 ? 1.502   17.418  -1.723  1.00 34.63 ? 23 DC  B OP1   1 
ATOM   448 O  OP2   . DC  B 1 11 ? -0.231  17.433  -3.642  1.00 29.69 ? 23 DC  B OP2   1 
ATOM   449 O  "O5'" . DC  B 1 11 ? 2.161   16.979  -4.063  1.00 31.75 ? 23 DC  B "O5'" 1 
ATOM   450 C  "C5'" . DC  B 1 11 ? 3.397   16.303  -3.774  1.00 31.44 ? 23 DC  B "C5'" 1 
ATOM   451 C  "C4'" . DC  B 1 11 ? 3.959   15.771  -5.077  1.00 29.72 ? 23 DC  B "C4'" 1 
ATOM   452 O  "O4'" . DC  B 1 11 ? 3.263   14.569  -5.458  1.00 25.43 ? 23 DC  B "O4'" 1 
ATOM   453 C  "C3'" . DC  B 1 11 ? 3.810   16.728  -6.234  1.00 32.95 ? 23 DC  B "C3'" 1 
ATOM   454 O  "O3'" . DC  B 1 11 ? 5.065   17.300  -6.610  1.00 36.29 ? 23 DC  B "O3'" 1 
ATOM   455 C  "C2'" . DC  B 1 11 ? 3.300   15.924  -7.387  1.00 35.21 ? 23 DC  B "C2'" 1 
ATOM   456 C  "C1'" . DC  B 1 11 ? 3.028   14.542  -6.855  1.00 28.68 ? 23 DC  B "C1'" 1 
ATOM   457 N  N1    . DC  B 1 11 ? 1.630   14.097  -7.035  1.00 27.34 ? 23 DC  B N1    1 
ATOM   458 C  C2    . DC  B 1 11 ? 1.412   13.064  -7.962  1.00 26.58 ? 23 DC  B C2    1 
ATOM   459 O  O2    . DC  B 1 11 ? 2.414   12.632  -8.535  1.00 20.99 ? 23 DC  B O2    1 
ATOM   460 N  N3    . DC  B 1 11 ? 0.163   12.591  -8.190  1.00 21.32 ? 23 DC  B N3    1 
ATOM   461 C  C4    . DC  B 1 11 ? -0.848  13.140  -7.508  1.00 21.27 ? 23 DC  B C4    1 
ATOM   462 N  N4    . DC  B 1 11 ? -2.075  12.673  -7.736  1.00 18.93 ? 23 DC  B N4    1 
ATOM   463 C  C5    . DC  B 1 11 ? -0.668  14.193  -6.558  1.00 15.81 ? 23 DC  B C5    1 
ATOM   464 C  C6    . DC  B 1 11 ? 0.578   14.636  -6.354  1.00 21.76 ? 23 DC  B C6    1 
ATOM   465 P  P     . DG  B 1 12 ? 4.997   18.487  -7.684  1.00 38.63 ? 24 DG  B P     1 
ATOM   466 O  OP1   . DG  B 1 12 ? 6.256   19.269  -7.577  1.00 51.06 ? 24 DG  B OP1   1 
ATOM   467 O  OP2   . DG  B 1 12 ? 3.675   19.142  -7.573  1.00 32.03 ? 24 DG  B OP2   1 
ATOM   468 O  "O5'" . DG  B 1 12 ? 5.022   17.730  -9.088  1.00 34.42 ? 24 DG  B "O5'" 1 
ATOM   469 C  "C5'" . DG  B 1 12 ? 6.134   16.934  -9.517  1.00 24.47 ? 24 DG  B "C5'" 1 
ATOM   470 C  "C4'" . DG  B 1 12 ? 5.708   16.213  -10.773 1.00 30.40 ? 24 DG  B "C4'" 1 
ATOM   471 O  "O4'" . DG  B 1 12 ? 4.620   15.330  -10.464 1.00 28.37 ? 24 DG  B "O4'" 1 
ATOM   472 C  "C3'" . DG  B 1 12 ? 5.192   17.129  -11.862 1.00 29.24 ? 24 DG  B "C3'" 1 
ATOM   473 O  "O3'" . DG  B 1 12 ? 6.226   17.461  -12.786 1.00 35.47 ? 24 DG  B "O3'" 1 
ATOM   474 C  "C2'" . DG  B 1 12 ? 4.101   16.349  -12.547 1.00 41.33 ? 24 DG  B "C2'" 1 
ATOM   475 C  "C1'" . DG  B 1 12 ? 3.747   15.224  -11.592 1.00 29.50 ? 24 DG  B "C1'" 1 
ATOM   476 N  N9    . DG  B 1 12 ? 2.352   15.304  -11.136 1.00 22.56 ? 24 DG  B N9    1 
ATOM   477 C  C8    . DG  B 1 12 ? 1.783   16.224  -10.288 1.00 28.99 ? 24 DG  B C8    1 
ATOM   478 N  N7    . DG  B 1 12 ? 0.503   16.039  -10.061 1.00 23.87 ? 24 DG  B N7    1 
ATOM   479 C  C5    . DG  B 1 12 ? 0.220   14.914  -10.821 1.00 19.70 ? 24 DG  B C5    1 
ATOM   480 C  C6    . DG  B 1 12 ? -1.021  14.243  -10.968 1.00 19.78 ? 24 DG  B C6    1 
ATOM   481 O  O6    . DG  B 1 12 ? -2.078  14.564  -10.428 1.00 21.65 ? 24 DG  B O6    1 
ATOM   482 N  N1    . DG  B 1 12 ? -0.907  13.149  -11.818 1.00 22.38 ? 24 DG  B N1    1 
ATOM   483 C  C2    . DG  B 1 12 ? 0.253   12.759  -12.437 1.00 26.16 ? 24 DG  B C2    1 
ATOM   484 N  N2    . DG  B 1 12 ? 0.146   11.675  -13.216 1.00 22.03 ? 24 DG  B N2    1 
ATOM   485 N  N3    . DG  B 1 12 ? 1.425   13.377  -12.310 1.00 25.17 ? 24 DG  B N3    1 
ATOM   486 C  C4    . DG  B 1 12 ? 1.333   14.442  -11.489 1.00 21.50 ? 24 DG  B C4    1 
HETATM 487 MG MG    . MG  C 2 .  ? -6.088  8.115   -8.413  1.00 20.44 ? 26 MG  A MG    1 
HETATM 488 C  C1    . M1B D 3 .  ? 0.427   9.224   3.525   1.00 40.51 ? 25 M1B A C1    1 
HETATM 489 C  C2    . M1B D 3 .  ? -0.526  9.024   4.505   1.00 52.58 ? 25 M1B A C2    1 
HETATM 490 C  C3    . M1B D 3 .  ? -1.248  7.840   4.522   1.00 47.50 ? 25 M1B A C3    1 
HETATM 491 C  C4    . M1B D 3 .  ? -1.036  6.828   3.563   1.00 38.14 ? 25 M1B A C4    1 
HETATM 492 C  C5    . M1B D 3 .  ? -0.046  7.063   2.572   1.00 33.27 ? 25 M1B A C5    1 
HETATM 493 C  C6    . M1B D 3 .  ? 0.708   8.262   2.525   1.00 34.52 ? 25 M1B A C6    1 
HETATM 494 C  C7    . M1B D 3 .  ? -1.790  5.640   3.621   1.00 33.76 ? 25 M1B A C7    1 
HETATM 495 C  C8    . M1B D 3 .  ? -2.924  5.492   4.454   1.00 31.64 ? 25 M1B A C8    1 
HETATM 496 C  C9    . M1B D 3 .  ? -3.665  4.316   4.507   1.00 25.53 ? 25 M1B A C9    1 
HETATM 497 C  C10   . M1B D 3 .  ? -3.287  3.240   3.719   1.00 24.23 ? 25 M1B A C10   1 
HETATM 498 C  C11   . M1B D 3 .  ? -2.178  3.351   2.892   1.00 27.37 ? 25 M1B A C11   1 
HETATM 499 C  C12   . M1B D 3 .  ? -1.430  4.521   2.832   1.00 23.44 ? 25 M1B A C12   1 
HETATM 500 C  C13   . M1B D 3 .  ? -4.048  1.920   3.731   1.00 28.77 ? 25 M1B A C13   1 
HETATM 501 C  C14   . M1B D 3 .  ? 1.699   8.557   1.569   1.00 50.28 ? 25 M1B A C14   1 
HETATM 502 N  N15   . M1B D 3 .  ? 2.301   9.761   1.543   1.00 71.90 ? 25 M1B A N15   1 
HETATM 503 N  N16   . M1B D 3 .  ? 2.134   7.728   0.617   1.00 52.40 ? 25 M1B A N16   1 
HETATM 504 N  N17   . M1B D 3 .  ? -5.203  1.745   4.254   1.00 36.94 ? 25 M1B A N17   1 
HETATM 505 C  C18   . M1B D 3 .  ? -5.509  0.404   4.038   1.00 28.71 ? 25 M1B A C18   1 
HETATM 506 C  C19   . M1B D 3 .  ? -4.472  -0.212  3.359   1.00 33.88 ? 25 M1B A C19   1 
HETATM 507 N  N20   . M1B D 3 .  ? -3.472  0.735   3.125   1.00 37.50 ? 25 M1B A N20   1 
HETATM 508 C  C21   . M1B D 3 .  ? -4.523  -1.584  3.009   1.00 36.14 ? 25 M1B A C21   1 
HETATM 509 C  C22   . M1B D 3 .  ? -6.653  -0.329  4.401   1.00 36.06 ? 25 M1B A C22   1 
HETATM 510 C  C23   . M1B D 3 .  ? -6.710  -1.682  4.059   1.00 38.25 ? 25 M1B A C23   1 
HETATM 511 C  C24   . M1B D 3 .  ? -5.672  -2.358  3.364   1.00 32.19 ? 25 M1B A C24   1 
HETATM 512 C  C25   . M1B D 3 .  ? -5.760  -3.725  3.033   1.00 44.77 ? 25 M1B A C25   1 
HETATM 513 N  N26   . M1B D 3 .  ? -4.704  -4.545  2.889   1.00 42.45 ? 25 M1B A N26   1 
HETATM 514 N  N27   . M1B D 3 .  ? -6.939  -4.334  2.810   1.00 56.09 ? 25 M1B A N27   1 
HETATM 515 O  O     . HOH E 4 .  ? -4.995  7.370   -10.067 1.00 24.22 ? 27 HOH A O     1 
HETATM 516 O  O     . HOH E 4 .  ? -7.531  8.950   -9.716  1.00 18.85 ? 28 HOH A O     1 
HETATM 517 O  O     . HOH E 4 .  ? -4.923  9.900   -8.499  1.00 20.08 ? 29 HOH A O     1 
HETATM 518 O  O     . HOH E 4 .  ? 5.732   8.596   8.061   1.00 24.65 ? 30 HOH A O     1 
HETATM 519 O  O     . HOH E 4 .  ? 11.238  9.510   2.944   1.00 26.56 ? 31 HOH A O     1 
HETATM 520 O  O     . HOH E 4 .  ? -2.830  3.030   -8.840  1.00 31.37 ? 32 HOH A O     1 
HETATM 521 O  O     . HOH E 4 .  ? -3.959  4.271   -13.160 1.00 25.67 ? 33 HOH A O     1 
HETATM 522 O  O     . HOH E 4 .  ? -6.132  12.272  -7.846  1.00 34.18 ? 34 HOH A O     1 
HETATM 523 O  O     . HOH E 4 .  ? 8.126   3.112   2.719   1.00 25.35 ? 35 HOH A O     1 
HETATM 524 O  O     . HOH E 4 .  ? -5.325  2.902   -7.851  1.00 28.91 ? 36 HOH A O     1 
HETATM 525 O  O     . HOH E 4 .  ? 4.542   2.307   7.219   1.00 24.12 ? 37 HOH A O     1 
HETATM 526 O  O     . HOH E 4 .  ? 0.922   0.649   10.042  1.00 26.51 ? 38 HOH A O     1 
HETATM 527 O  O     . HOH E 4 .  ? -8.953  11.380  -9.259  1.00 28.23 ? 39 HOH A O     1 
HETATM 528 O  O     . HOH E 4 .  ? 3.802   0.944   9.062   1.00 30.79 ? 40 HOH A O     1 
HETATM 529 O  O     . HOH E 4 .  ? 6.477   9.961   5.919   1.00 34.07 ? 41 HOH A O     1 
HETATM 530 O  O     . HOH E 4 .  ? 5.153   1.752   -16.348 1.00 26.74 ? 42 HOH A O     1 
HETATM 531 O  O     . HOH E 4 .  ? -8.749  13.037  -11.370 1.00 30.66 ? 43 HOH A O     1 
HETATM 532 O  O     . HOH E 4 .  ? 1.395   -3.947  9.866   1.00 31.81 ? 44 HOH A O     1 
HETATM 533 O  O     . HOH E 4 .  ? 4.422   10.375  4.446   1.00 45.67 ? 45 HOH A O     1 
HETATM 534 O  O     . HOH E 4 .  ? -4.260  6.018   -20.352 1.00 31.88 ? 46 HOH A O     1 
HETATM 535 O  O     . HOH E 4 .  ? -0.474  -1.828  10.201  1.00 32.49 ? 47 HOH A O     1 
HETATM 536 O  O     . HOH E 4 .  ? -5.792  -17.708 9.238   1.00 43.75 ? 48 HOH A O     1 
HETATM 537 O  O     . HOH E 4 .  ? 4.225   0.243   -11.672 1.00 35.58 ? 49 HOH A O     1 
HETATM 538 O  O     . HOH E 4 .  ? 1.875   10.002  -0.908  1.00 31.49 ? 50 HOH A O     1 
HETATM 539 O  O     . HOH E 4 .  ? 5.400   9.430   -1.306  1.00 38.48 ? 51 HOH A O     1 
HETATM 540 O  O     . HOH E 4 .  ? 6.657   -1.547  6.645   1.00 46.26 ? 52 HOH A O     1 
HETATM 541 O  O     . HOH E 4 .  ? -6.469  13.984  -12.907 1.00 29.48 ? 53 HOH A O     1 
HETATM 542 O  O     . HOH E 4 .  ? 7.933   9.974   0.829   1.00 34.97 ? 54 HOH A O     1 
HETATM 543 O  O     . HOH E 4 .  ? 1.824   2.562   -18.059 1.00 37.92 ? 55 HOH A O     1 
HETATM 544 O  O     . HOH E 4 .  ? 5.693   8.542   -4.047  1.00 29.51 ? 56 HOH A O     1 
HETATM 545 O  O     . HOH E 4 .  ? -2.684  2.415   -11.863 1.00 40.62 ? 57 HOH A O     1 
HETATM 546 O  O     . HOH E 4 .  ? 6.666   0.169   -0.696  1.00 38.78 ? 58 HOH A O     1 
HETATM 547 O  O     . HOH E 4 .  ? -0.144  1.816   -12.138 1.00 45.42 ? 59 HOH A O     1 
HETATM 548 O  O     . HOH E 4 .  ? 9.112   1.322   1.152   1.00 34.77 ? 60 HOH A O     1 
HETATM 549 O  O     . HOH E 4 .  ? -3.452  -11.585 4.562   1.00 39.62 ? 61 HOH A O     1 
HETATM 550 O  O     . HOH E 4 .  ? 5.704   -2.284  1.805   1.00 40.28 ? 62 HOH A O     1 
HETATM 551 O  O     . HOH E 4 .  ? 5.090   0.536   -4.250  1.00 42.01 ? 63 HOH A O     1 
HETATM 552 O  O     . HOH E 4 .  ? -0.012  -7.646  12.017  1.00 44.64 ? 64 HOH A O     1 
HETATM 553 O  O     . HOH E 4 .  ? 4.719   -3.424  5.284   1.00 37.56 ? 65 HOH A O     1 
HETATM 554 O  O     . HOH E 4 .  ? 4.564   -1.443  9.039   1.00 37.89 ? 66 HOH A O     1 
HETATM 555 O  O     . HOH E 4 .  ? 1.755   1.393   -8.166  1.00 52.39 ? 67 HOH A O     1 
HETATM 556 O  O     . HOH E 4 .  ? -10.264 -7.134  3.804   1.00 46.60 ? 68 HOH A O     1 
HETATM 557 O  O     . HOH E 4 .  ? 8.678   2.206   -2.962  1.00 51.33 ? 69 HOH A O     1 
HETATM 558 O  O     . HOH E 4 .  ? 5.446   0.436   -7.731  1.00 45.41 ? 70 HOH A O     1 
HETATM 559 O  O     . HOH E 4 .  ? -2.515  6.543   8.001   1.00 42.28 ? 71 HOH A O     1 
HETATM 560 O  O     . HOH E 4 .  ? -6.012  3.563   5.834   1.00 44.28 ? 72 HOH A O     1 
HETATM 561 O  O     . HOH E 4 .  ? -2.623  -11.251 1.589   1.00 43.32 ? 73 HOH A O     1 
HETATM 562 O  O     . HOH E 4 .  ? -2.659  5.542   11.512  1.00 38.88 ? 74 HOH A O     1 
HETATM 563 O  O     . HOH E 4 .  ? -10.064 -12.003 3.461   1.00 49.31 ? 75 HOH A O     1 
HETATM 564 O  O     . HOH E 4 .  ? -4.314  -7.478  2.479   1.00 45.95 ? 76 HOH A O     1 
HETATM 565 O  O     . HOH E 4 .  ? 7.249   -5.276  7.776   1.00 52.35 ? 77 HOH A O     1 
HETATM 566 O  O     . HOH E 4 .  ? -6.110  -10.239 2.635   1.00 51.57 ? 78 HOH A O     1 
HETATM 567 O  O     . HOH E 4 .  ? 8.062   -2.554  8.158   1.00 53.03 ? 79 HOH A O     1 
HETATM 568 O  O     . HOH E 4 .  ? 10.454  1.006   -9.523  1.00 58.91 ? 80 HOH A O     1 
HETATM 569 O  O     . HOH F 4 .  ? -4.679  7.319   -7.023  1.00 22.75 ? 25 HOH B O     1 
HETATM 570 O  O     . HOH F 4 .  ? -7.179  8.978   -6.802  1.00 23.12 ? 26 HOH B O     1 
HETATM 571 O  O     . HOH F 4 .  ? -7.206  6.324   -8.296  1.00 19.76 ? 27 HOH B O     1 
HETATM 572 O  O     . HOH F 4 .  ? -4.837  4.871   -5.972  1.00 22.64 ? 28 HOH B O     1 
HETATM 573 O  O     . HOH F 4 .  ? -5.678  9.706   -4.625  1.00 19.74 ? 29 HOH B O     1 
HETATM 574 O  O     . HOH F 4 .  ? -6.395  8.112   -2.652  1.00 28.18 ? 30 HOH B O     1 
HETATM 575 O  O     . HOH F 4 .  ? -4.325  14.185  -6.328  1.00 30.32 ? 31 HOH B O     1 
HETATM 576 O  O     . HOH F 4 .  ? -4.747  13.185  -1.710  1.00 29.70 ? 32 HOH B O     1 
HETATM 577 O  O     . HOH F 4 .  ? -0.927  2.109   -6.880  1.00 34.35 ? 33 HOH B O     1 
HETATM 578 O  O     . HOH F 4 .  ? 11.411  -13.669 8.292   1.00 27.30 ? 34 HOH B O     1 
HETATM 579 O  O     . HOH F 4 .  ? 2.790   11.933  -3.852  1.00 29.86 ? 35 HOH B O     1 
HETATM 580 O  O     . HOH F 4 .  ? -10.319 3.438   -2.939  1.00 36.43 ? 36 HOH B O     1 
HETATM 581 O  O     . HOH F 4 .  ? 2.141   -8.302  12.486  1.00 33.49 ? 37 HOH B O     1 
HETATM 582 O  O     . HOH F 4 .  ? -10.482 0.052   -2.891  1.00 37.79 ? 38 HOH B O     1 
HETATM 583 O  O     . HOH F 4 .  ? -0.570  17.785  -8.431  1.00 40.76 ? 39 HOH B O     1 
HETATM 584 O  O     . HOH F 4 .  ? -6.071  10.826  4.263   1.00 34.26 ? 40 HOH B O     1 
HETATM 585 O  O     . HOH F 4 .  ? -5.582  -1.583  -4.687  1.00 32.75 ? 41 HOH B O     1 
HETATM 586 O  O     . HOH F 4 .  ? -4.788  14.748  -3.396  1.00 40.46 ? 42 HOH B O     1 
HETATM 587 O  O     . HOH F 4 .  ? -7.323  2.919   -3.316  1.00 34.74 ? 43 HOH B O     1 
HETATM 588 O  O     . HOH F 4 .  ? -1.845  -5.641  -5.480  1.00 39.32 ? 44 HOH B O     1 
HETATM 589 O  O     . HOH F 4 .  ? 9.146   -7.591  10.450  1.00 45.81 ? 45 HOH B O     1 
HETATM 590 O  O     . HOH F 4 .  ? -4.047  14.376  4.448   1.00 42.66 ? 46 HOH B O     1 
HETATM 591 O  O     . HOH F 4 .  ? -10.284 4.518   1.207   1.00 58.67 ? 47 HOH B O     1 
HETATM 592 O  O     . HOH F 4 .  ? 4.116   -6.323  10.700  1.00 39.80 ? 48 HOH B O     1 
HETATM 593 O  O     . HOH F 4 .  ? 1.671   -1.579  -5.353  1.00 42.07 ? 49 HOH B O     1 
HETATM 594 O  O     . HOH F 4 .  ? 4.438   -2.957  -2.661  1.00 52.50 ? 50 HOH B O     1 
HETATM 595 O  O     . HOH F 4 .  ? 1.743   -4.466  -3.762  1.00 32.69 ? 51 HOH B O     1 
HETATM 596 O  O     . HOH F 4 .  ? -9.627  6.299   -2.050  1.00 38.87 ? 52 HOH B O     1 
HETATM 597 O  O     . HOH F 4 .  ? -3.301  16.982  -2.373  1.00 48.12 ? 53 HOH B O     1 
HETATM 598 O  O     . HOH F 4 .  ? -3.824  -0.362  -7.332  1.00 52.35 ? 54 HOH B O     1 
# 
loop_
_pdbx_poly_seq_scheme.asym_id 
_pdbx_poly_seq_scheme.entity_id 
_pdbx_poly_seq_scheme.seq_id 
_pdbx_poly_seq_scheme.mon_id 
_pdbx_poly_seq_scheme.ndb_seq_num 
_pdbx_poly_seq_scheme.pdb_seq_num 
_pdbx_poly_seq_scheme.auth_seq_num 
_pdbx_poly_seq_scheme.pdb_mon_id 
_pdbx_poly_seq_scheme.auth_mon_id 
_pdbx_poly_seq_scheme.pdb_strand_id 
_pdbx_poly_seq_scheme.pdb_ins_code 
_pdbx_poly_seq_scheme.hetero 
A 1 1  DC 1  1  1  DC C A . n 
A 1 2  DG 2  2  2  DG G A . n 
A 1 3  DC 3  3  3  DC C A . n 
A 1 4  DG 4  4  4  DG G A . n 
A 1 5  DA 5  5  5  DA A A . n 
A 1 6  DA 6  6  6  DA A A . n 
A 1 7  DT 7  7  7  DT T A . n 
A 1 8  DT 8  8  8  DT T A . n 
A 1 9  DC 9  9  9  DC C A . n 
A 1 10 DG 10 10 10 DG G A . n 
A 1 11 DC 11 11 11 DC C A . n 
A 1 12 DG 12 12 12 DG G A . n 
B 1 1  DC 1  13 13 DC C B . n 
B 1 2  DG 2  14 14 DG G B . n 
B 1 3  DC 3  15 15 DC C B . n 
B 1 4  DG 4  16 16 DG G B . n 
B 1 5  DA 5  17 17 DA A B . n 
B 1 6  DA 6  18 18 DA A B . n 
B 1 7  DT 7  19 19 DT T B . n 
B 1 8  DT 8  20 20 DT T B . n 
B 1 9  DC 9  21 21 DC C B . n 
B 1 10 DG 10 22 22 DG G B . n 
B 1 11 DC 11 23 23 DC C B . n 
B 1 12 DG 12 24 24 DG G B . n 
# 
loop_
_pdbx_nonpoly_scheme.asym_id 
_pdbx_nonpoly_scheme.entity_id 
_pdbx_nonpoly_scheme.mon_id 
_pdbx_nonpoly_scheme.ndb_seq_num 
_pdbx_nonpoly_scheme.pdb_seq_num 
_pdbx_nonpoly_scheme.auth_seq_num 
_pdbx_nonpoly_scheme.pdb_mon_id 
_pdbx_nonpoly_scheme.auth_mon_id 
_pdbx_nonpoly_scheme.pdb_strand_id 
_pdbx_nonpoly_scheme.pdb_ins_code 
C 2 MG  1  26 26  MG  MG  A . 
D 3 M1B 1  25 25  M1B M1B A . 
E 4 HOH 1  27 127 HOH HOH A . 
E 4 HOH 2  28 128 HOH HOH A . 
E 4 HOH 3  29 131 HOH HOH A . 
E 4 HOH 4  30 28  HOH HOH A . 
E 4 HOH 5  31 29  HOH HOH A . 
E 4 HOH 6  32 31  HOH HOH A . 
E 4 HOH 7  33 32  HOH HOH A . 
E 4 HOH 8  34 33  HOH HOH A . 
E 4 HOH 9  35 35  HOH HOH A . 
E 4 HOH 10 36 36  HOH HOH A . 
E 4 HOH 11 37 38  HOH HOH A . 
E 4 HOH 12 38 41  HOH HOH A . 
E 4 HOH 13 39 42  HOH HOH A . 
E 4 HOH 14 40 43  HOH HOH A . 
E 4 HOH 15 41 44  HOH HOH A . 
E 4 HOH 16 42 45  HOH HOH A . 
E 4 HOH 17 43 46  HOH HOH A . 
E 4 HOH 18 44 48  HOH HOH A . 
E 4 HOH 19 45 49  HOH HOH A . 
E 4 HOH 20 46 50  HOH HOH A . 
E 4 HOH 21 47 51  HOH HOH A . 
E 4 HOH 22 48 55  HOH HOH A . 
E 4 HOH 23 49 56  HOH HOH A . 
E 4 HOH 24 50 57  HOH HOH A . 
E 4 HOH 25 51 61  HOH HOH A . 
E 4 HOH 26 52 62  HOH HOH A . 
E 4 HOH 27 53 63  HOH HOH A . 
E 4 HOH 28 54 64  HOH HOH A . 
E 4 HOH 29 55 65  HOH HOH A . 
E 4 HOH 30 56 66  HOH HOH A . 
E 4 HOH 31 57 67  HOH HOH A . 
E 4 HOH 32 58 69  HOH HOH A . 
E 4 HOH 33 59 72  HOH HOH A . 
E 4 HOH 34 60 73  HOH HOH A . 
E 4 HOH 35 61 74  HOH HOH A . 
E 4 HOH 36 62 75  HOH HOH A . 
E 4 HOH 37 63 77  HOH HOH A . 
E 4 HOH 38 64 79  HOH HOH A . 
E 4 HOH 39 65 80  HOH HOH A . 
E 4 HOH 40 66 81  HOH HOH A . 
E 4 HOH 41 67 85  HOH HOH A . 
E 4 HOH 42 68 86  HOH HOH A . 
E 4 HOH 43 69 89  HOH HOH A . 
E 4 HOH 44 70 91  HOH HOH A . 
E 4 HOH 45 71 93  HOH HOH A . 
E 4 HOH 46 72 95  HOH HOH A . 
E 4 HOH 47 73 96  HOH HOH A . 
E 4 HOH 48 74 97  HOH HOH A . 
E 4 HOH 49 75 98  HOH HOH A . 
E 4 HOH 50 76 99  HOH HOH A . 
E 4 HOH 51 77 101 HOH HOH A . 
E 4 HOH 52 78 102 HOH HOH A . 
E 4 HOH 53 79 103 HOH HOH A . 
E 4 HOH 54 80 104 HOH HOH A . 
F 4 HOH 1  25 126 HOH HOH B . 
F 4 HOH 2  26 129 HOH HOH B . 
F 4 HOH 3  27 130 HOH HOH B . 
F 4 HOH 4  28 27  HOH HOH B . 
F 4 HOH 5  29 30  HOH HOH B . 
F 4 HOH 6  30 34  HOH HOH B . 
F 4 HOH 7  31 37  HOH HOH B . 
F 4 HOH 8  32 39  HOH HOH B . 
F 4 HOH 9  33 40  HOH HOH B . 
F 4 HOH 10 34 47  HOH HOH B . 
F 4 HOH 11 35 52  HOH HOH B . 
F 4 HOH 12 36 53  HOH HOH B . 
F 4 HOH 13 37 54  HOH HOH B . 
F 4 HOH 14 38 58  HOH HOH B . 
F 4 HOH 15 39 59  HOH HOH B . 
F 4 HOH 16 40 60  HOH HOH B . 
F 4 HOH 17 41 68  HOH HOH B . 
F 4 HOH 18 42 70  HOH HOH B . 
F 4 HOH 19 43 71  HOH HOH B . 
F 4 HOH 20 44 76  HOH HOH B . 
F 4 HOH 21 45 78  HOH HOH B . 
F 4 HOH 22 46 82  HOH HOH B . 
F 4 HOH 23 47 83  HOH HOH B . 
F 4 HOH 24 48 84  HOH HOH B . 
F 4 HOH 25 49 87  HOH HOH B . 
F 4 HOH 26 50 88  HOH HOH B . 
F 4 HOH 27 51 90  HOH HOH B . 
F 4 HOH 28 52 92  HOH HOH B . 
F 4 HOH 29 53 94  HOH HOH B . 
F 4 HOH 30 54 100 HOH HOH B . 
# 
_struct_site_keywords.site_id   1 
_struct_site_keywords.text      'MINOR GROOVE BINDER' 
# 
_pdbx_struct_assembly.id                   1 
_pdbx_struct_assembly.details              author_defined_assembly 
_pdbx_struct_assembly.method_details       ? 
_pdbx_struct_assembly.oligomeric_details   dimeric 
_pdbx_struct_assembly.oligomeric_count     2 
# 
_pdbx_struct_assembly_gen.assembly_id       1 
_pdbx_struct_assembly_gen.oper_expression   1 
_pdbx_struct_assembly_gen.asym_id_list      A,B,C,D,E,F 
# 
_pdbx_struct_oper_list.id                   1 
_pdbx_struct_oper_list.type                 'identity operation' 
_pdbx_struct_oper_list.name                 1_555 
_pdbx_struct_oper_list.symmetry_operation   x,y,z 
_pdbx_struct_oper_list.matrix[1][1]         1.0000000000 
_pdbx_struct_oper_list.matrix[1][2]         0.0000000000 
_pdbx_struct_oper_list.matrix[1][3]         0.0000000000 
_pdbx_struct_oper_list.vector[1]            0.0000000000 
_pdbx_struct_oper_list.matrix[2][1]         0.0000000000 
_pdbx_struct_oper_list.matrix[2][2]         1.0000000000 
_pdbx_struct_oper_list.matrix[2][3]         0.0000000000 
_pdbx_struct_oper_list.vector[2]            0.0000000000 
_pdbx_struct_oper_list.matrix[3][1]         0.0000000000 
_pdbx_struct_oper_list.matrix[3][2]         0.0000000000 
_pdbx_struct_oper_list.matrix[3][3]         1.0000000000 
_pdbx_struct_oper_list.vector[3]            0.0000000000 
# 
loop_
_pdbx_struct_conn_angle.id 
_pdbx_struct_conn_angle.ptnr1_label_atom_id 
_pdbx_struct_conn_angle.ptnr1_label_alt_id 
_pdbx_struct_conn_angle.ptnr1_label_asym_id 
_pdbx_struct_conn_angle.ptnr1_label_comp_id 
_pdbx_struct_conn_angle.ptnr1_label_seq_id 
_pdbx_struct_conn_angle.ptnr1_auth_atom_id 
_pdbx_struct_conn_angle.ptnr1_auth_asym_id 
_pdbx_struct_conn_angle.ptnr1_auth_comp_id 
_pdbx_struct_conn_angle.ptnr1_auth_seq_id 
_pdbx_struct_conn_angle.ptnr1_PDB_ins_code 
_pdbx_struct_conn_angle.ptnr1_symmetry 
_pdbx_struct_conn_angle.ptnr2_label_atom_id 
_pdbx_struct_conn_angle.ptnr2_label_alt_id 
_pdbx_struct_conn_angle.ptnr2_label_asym_id 
_pdbx_struct_conn_angle.ptnr2_label_comp_id 
_pdbx_struct_conn_angle.ptnr2_label_seq_id 
_pdbx_struct_conn_angle.ptnr2_auth_atom_id 
_pdbx_struct_conn_angle.ptnr2_auth_asym_id 
_pdbx_struct_conn_angle.ptnr2_auth_comp_id 
_pdbx_struct_conn_angle.ptnr2_auth_seq_id 
_pdbx_struct_conn_angle.ptnr2_PDB_ins_code 
_pdbx_struct_conn_angle.ptnr2_symmetry 
_pdbx_struct_conn_angle.ptnr3_label_atom_id 
_pdbx_struct_conn_angle.ptnr3_label_alt_id 
_pdbx_struct_conn_angle.ptnr3_label_asym_id 
_pdbx_struct_conn_angle.ptnr3_label_comp_id 
_pdbx_struct_conn_angle.ptnr3_label_seq_id 
_pdbx_struct_conn_angle.ptnr3_auth_atom_id 
_pdbx_struct_conn_angle.ptnr3_auth_asym_id 
_pdbx_struct_conn_angle.ptnr3_auth_comp_id 
_pdbx_struct_conn_angle.ptnr3_auth_seq_id 
_pdbx_struct_conn_angle.ptnr3_PDB_ins_code 
_pdbx_struct_conn_angle.ptnr3_symmetry 
_pdbx_struct_conn_angle.value 
_pdbx_struct_conn_angle.value_esd 
1  O ? E HOH . ? A HOH 27 ? 1_555 MG ? C MG . ? A MG 26 ? 1_555 O ? E HOH . ? A HOH 28 ? 1_555 90.6  ? 
2  O ? E HOH . ? A HOH 27 ? 1_555 MG ? C MG . ? A MG 26 ? 1_555 O ? E HOH . ? A HOH 29 ? 1_555 88.9  ? 
3  O ? E HOH . ? A HOH 28 ? 1_555 MG ? C MG . ? A MG 26 ? 1_555 O ? E HOH . ? A HOH 29 ? 1_555 91.0  ? 
4  O ? E HOH . ? A HOH 27 ? 1_555 MG ? C MG . ? A MG 26 ? 1_555 O ? F HOH . ? B HOH 25 ? 1_555 92.1  ? 
5  O ? E HOH . ? A HOH 28 ? 1_555 MG ? C MG . ? A MG 26 ? 1_555 O ? F HOH . ? B HOH 25 ? 1_555 177.3 ? 
6  O ? E HOH . ? A HOH 29 ? 1_555 MG ? C MG . ? A MG 26 ? 1_555 O ? F HOH . ? B HOH 25 ? 1_555 88.7  ? 
7  O ? E HOH . ? A HOH 27 ? 1_555 MG ? C MG . ? A MG 26 ? 1_555 O ? F HOH . ? B HOH 26 ? 1_555 176.6 ? 
8  O ? E HOH . ? A HOH 28 ? 1_555 MG ? C MG . ? A MG 26 ? 1_555 O ? F HOH . ? B HOH 26 ? 1_555 87.5  ? 
9  O ? E HOH . ? A HOH 29 ? 1_555 MG ? C MG . ? A MG 26 ? 1_555 O ? F HOH . ? B HOH 26 ? 1_555 88.3  ? 
10 O ? F HOH . ? B HOH 25 ? 1_555 MG ? C MG . ? A MG 26 ? 1_555 O ? F HOH . ? B HOH 26 ? 1_555 89.8  ? 
11 O ? E HOH . ? A HOH 27 ? 1_555 MG ? C MG . ? A MG 26 ? 1_555 O ? F HOH . ? B HOH 27 ? 1_555 91.0  ? 
12 O ? E HOH . ? A HOH 28 ? 1_555 MG ? C MG . ? A MG 26 ? 1_555 O ? F HOH . ? B HOH 27 ? 1_555 90.4  ? 
13 O ? E HOH . ? A HOH 29 ? 1_555 MG ? C MG . ? A MG 26 ? 1_555 O ? F HOH . ? B HOH 27 ? 1_555 178.6 ? 
14 O ? F HOH . ? B HOH 25 ? 1_555 MG ? C MG . ? A MG 26 ? 1_555 O ? F HOH . ? B HOH 27 ? 1_555 89.8  ? 
15 O ? F HOH . ? B HOH 26 ? 1_555 MG ? C MG . ? A MG 26 ? 1_555 O ? F HOH . ? B HOH 27 ? 1_555 91.8  ? 
# 
loop_
_pdbx_audit_revision_history.ordinal 
_pdbx_audit_revision_history.data_content_type 
_pdbx_audit_revision_history.major_revision 
_pdbx_audit_revision_history.minor_revision 
_pdbx_audit_revision_history.revision_date 
1 'Structure model' 1 0 2008-04-08 
2 'Structure model' 1 1 2011-07-13 
3 'Structure model' 1 2 2018-01-31 
4 'Structure model' 1 3 2019-07-24 
5 'Structure model' 1 4 2023-08-30 
# 
_pdbx_audit_revision_details.ordinal             1 
_pdbx_audit_revision_details.revision_ordinal    1 
_pdbx_audit_revision_details.data_content_type   'Structure model' 
_pdbx_audit_revision_details.provider            repository 
_pdbx_audit_revision_details.type                'Initial release' 
_pdbx_audit_revision_details.description         ? 
_pdbx_audit_revision_details.details             ? 
# 
loop_
_pdbx_audit_revision_group.ordinal 
_pdbx_audit_revision_group.revision_ordinal 
_pdbx_audit_revision_group.data_content_type 
_pdbx_audit_revision_group.group 
1 2 'Structure model' 'Version format compliance' 
2 3 'Structure model' 'Experimental preparation'  
3 4 'Structure model' 'Data collection'           
4 4 'Structure model' 'Refinement description'    
5 5 'Structure model' 'Data collection'           
6 5 'Structure model' 'Database references'       
7 5 'Structure model' 'Derived calculations'      
8 5 'Structure model' 'Refinement description'    
# 
loop_
_pdbx_audit_revision_category.ordinal 
_pdbx_audit_revision_category.revision_ordinal 
_pdbx_audit_revision_category.data_content_type 
_pdbx_audit_revision_category.category 
1 3 'Structure model' exptl_crystal_grow            
2 4 'Structure model' software                      
3 5 'Structure model' chem_comp_atom                
4 5 'Structure model' chem_comp_bond                
5 5 'Structure model' database_2                    
6 5 'Structure model' pdbx_initial_refinement_model 
7 5 'Structure model' pdbx_struct_conn_angle        
8 5 'Structure model' struct_conn                   
9 5 'Structure model' struct_site                   
# 
loop_
_pdbx_audit_revision_item.ordinal 
_pdbx_audit_revision_item.revision_ordinal 
_pdbx_audit_revision_item.data_content_type 
_pdbx_audit_revision_item.item 
1  3 'Structure model' '_exptl_crystal_grow.pdbx_details'            
2  3 'Structure model' '_exptl_crystal_grow.temp'                    
3  4 'Structure model' '_software.classification'                    
4  4 'Structure model' '_software.name'                              
5  5 'Structure model' '_database_2.pdbx_DOI'                        
6  5 'Structure model' '_database_2.pdbx_database_accession'         
7  5 'Structure model' '_pdbx_struct_conn_angle.ptnr1_auth_asym_id'  
8  5 'Structure model' '_pdbx_struct_conn_angle.ptnr1_auth_seq_id'   
9  5 'Structure model' '_pdbx_struct_conn_angle.ptnr1_label_asym_id' 
10 5 'Structure model' '_pdbx_struct_conn_angle.ptnr3_auth_asym_id'  
11 5 'Structure model' '_pdbx_struct_conn_angle.ptnr3_auth_seq_id'   
12 5 'Structure model' '_pdbx_struct_conn_angle.ptnr3_label_asym_id' 
13 5 'Structure model' '_pdbx_struct_conn_angle.value'               
14 5 'Structure model' '_struct_conn.pdbx_dist_value'                
15 5 'Structure model' '_struct_conn.ptnr2_auth_asym_id'             
16 5 'Structure model' '_struct_conn.ptnr2_auth_seq_id'              
17 5 'Structure model' '_struct_conn.ptnr2_label_asym_id'            
18 5 'Structure model' '_struct_site.pdbx_auth_asym_id'              
19 5 'Structure model' '_struct_site.pdbx_auth_comp_id'              
20 5 'Structure model' '_struct_site.pdbx_auth_seq_id'               
# 
loop_
_software.name 
_software.classification 
_software.version 
_software.citation_id 
_software.pdbx_ordinal 
SHELXL-97    refinement        . ? 1 
CNS          refinement        . ? 2 
CrystalClear 'data collection' . ? 3 
DENZO        'data reduction'  . ? 4 
SCALEPACK    'data scaling'    . ? 5 
CNS          phasing           . ? 6 
# 
loop_
_pdbx_validate_rmsd_angle.id 
_pdbx_validate_rmsd_angle.PDB_model_num 
_pdbx_validate_rmsd_angle.auth_atom_id_1 
_pdbx_validate_rmsd_angle.auth_asym_id_1 
_pdbx_validate_rmsd_angle.auth_comp_id_1 
_pdbx_validate_rmsd_angle.auth_seq_id_1 
_pdbx_validate_rmsd_angle.PDB_ins_code_1 
_pdbx_validate_rmsd_angle.label_alt_id_1 
_pdbx_validate_rmsd_angle.auth_atom_id_2 
_pdbx_validate_rmsd_angle.auth_asym_id_2 
_pdbx_validate_rmsd_angle.auth_comp_id_2 
_pdbx_validate_rmsd_angle.auth_seq_id_2 
_pdbx_validate_rmsd_angle.PDB_ins_code_2 
_pdbx_validate_rmsd_angle.label_alt_id_2 
_pdbx_validate_rmsd_angle.auth_atom_id_3 
_pdbx_validate_rmsd_angle.auth_asym_id_3 
_pdbx_validate_rmsd_angle.auth_comp_id_3 
_pdbx_validate_rmsd_angle.auth_seq_id_3 
_pdbx_validate_rmsd_angle.PDB_ins_code_3 
_pdbx_validate_rmsd_angle.label_alt_id_3 
_pdbx_validate_rmsd_angle.angle_value 
_pdbx_validate_rmsd_angle.angle_target_value 
_pdbx_validate_rmsd_angle.angle_deviation 
_pdbx_validate_rmsd_angle.angle_standard_deviation 
_pdbx_validate_rmsd_angle.linker_flag 
1  1 "O4'" A DC 1  ? ? "C1'" A DC 1  ? ? N1 A DC 1  ? ? 103.28 108.00 -4.72 0.70 N 
2  1 "O4'" A DG 2  ? ? "C1'" A DG 2  ? ? N9 A DG 2  ? ? 103.36 108.00 -4.64 0.70 N 
3  1 "O4'" A DA 5  ? ? "C1'" A DA 5  ? ? N9 A DA 5  ? ? 103.17 108.00 -4.83 0.70 N 
4  1 "O4'" A DA 6  ? ? "C1'" A DA 6  ? ? N9 A DA 6  ? ? 102.35 108.00 -5.65 0.70 N 
5  1 "O4'" A DT 8  ? ? "C1'" A DT 8  ? ? N1 A DT 8  ? ? 102.92 108.00 -5.08 0.70 N 
6  1 "O4'" A DC 9  ? ? "C1'" A DC 9  ? ? N1 A DC 9  ? ? 102.35 108.00 -5.65 0.70 N 
7  1 "O4'" A DC 11 ? ? "C1'" A DC 11 ? ? N1 A DC 11 ? ? 102.66 108.00 -5.34 0.70 N 
8  1 "C3'" A DC 11 ? ? "O3'" A DC 11 ? ? P  A DG 12 ? ? 126.92 119.70 7.22  1.20 Y 
9  1 "O4'" B DC 15 ? ? "C1'" B DC 15 ? ? N1 B DC 15 ? ? 103.16 108.00 -4.84 0.70 N 
10 1 "O4'" B DA 18 ? ? "C1'" B DA 18 ? ? N9 B DA 18 ? ? 103.72 108.00 -4.28 0.70 N 
11 1 "O4'" B DC 21 ? ? "C1'" B DC 21 ? ? N1 B DC 21 ? ? 101.68 108.00 -6.32 0.70 N 
# 
loop_
_chem_comp_atom.comp_id 
_chem_comp_atom.atom_id 
_chem_comp_atom.type_symbol 
_chem_comp_atom.pdbx_aromatic_flag 
_chem_comp_atom.pdbx_stereo_config 
_chem_comp_atom.pdbx_ordinal 
DA  OP3    O  N N 1   
DA  P      P  N N 2   
DA  OP1    O  N N 3   
DA  OP2    O  N N 4   
DA  "O5'"  O  N N 5   
DA  "C5'"  C  N N 6   
DA  "C4'"  C  N R 7   
DA  "O4'"  O  N N 8   
DA  "C3'"  C  N S 9   
DA  "O3'"  O  N N 10  
DA  "C2'"  C  N N 11  
DA  "C1'"  C  N R 12  
DA  N9     N  Y N 13  
DA  C8     C  Y N 14  
DA  N7     N  Y N 15  
DA  C5     C  Y N 16  
DA  C6     C  Y N 17  
DA  N6     N  N N 18  
DA  N1     N  Y N 19  
DA  C2     C  Y N 20  
DA  N3     N  Y N 21  
DA  C4     C  Y N 22  
DA  HOP3   H  N N 23  
DA  HOP2   H  N N 24  
DA  "H5'"  H  N N 25  
DA  "H5''" H  N N 26  
DA  "H4'"  H  N N 27  
DA  "H3'"  H  N N 28  
DA  "HO3'" H  N N 29  
DA  "H2'"  H  N N 30  
DA  "H2''" H  N N 31  
DA  "H1'"  H  N N 32  
DA  H8     H  N N 33  
DA  H61    H  N N 34  
DA  H62    H  N N 35  
DA  H2     H  N N 36  
DC  OP3    O  N N 37  
DC  P      P  N N 38  
DC  OP1    O  N N 39  
DC  OP2    O  N N 40  
DC  "O5'"  O  N N 41  
DC  "C5'"  C  N N 42  
DC  "C4'"  C  N R 43  
DC  "O4'"  O  N N 44  
DC  "C3'"  C  N S 45  
DC  "O3'"  O  N N 46  
DC  "C2'"  C  N N 47  
DC  "C1'"  C  N R 48  
DC  N1     N  N N 49  
DC  C2     C  N N 50  
DC  O2     O  N N 51  
DC  N3     N  N N 52  
DC  C4     C  N N 53  
DC  N4     N  N N 54  
DC  C5     C  N N 55  
DC  C6     C  N N 56  
DC  HOP3   H  N N 57  
DC  HOP2   H  N N 58  
DC  "H5'"  H  N N 59  
DC  "H5''" H  N N 60  
DC  "H4'"  H  N N 61  
DC  "H3'"  H  N N 62  
DC  "HO3'" H  N N 63  
DC  "H2'"  H  N N 64  
DC  "H2''" H  N N 65  
DC  "H1'"  H  N N 66  
DC  H41    H  N N 67  
DC  H42    H  N N 68  
DC  H5     H  N N 69  
DC  H6     H  N N 70  
DG  OP3    O  N N 71  
DG  P      P  N N 72  
DG  OP1    O  N N 73  
DG  OP2    O  N N 74  
DG  "O5'"  O  N N 75  
DG  "C5'"  C  N N 76  
DG  "C4'"  C  N R 77  
DG  "O4'"  O  N N 78  
DG  "C3'"  C  N S 79  
DG  "O3'"  O  N N 80  
DG  "C2'"  C  N N 81  
DG  "C1'"  C  N R 82  
DG  N9     N  Y N 83  
DG  C8     C  Y N 84  
DG  N7     N  Y N 85  
DG  C5     C  Y N 86  
DG  C6     C  N N 87  
DG  O6     O  N N 88  
DG  N1     N  N N 89  
DG  C2     C  N N 90  
DG  N2     N  N N 91  
DG  N3     N  N N 92  
DG  C4     C  Y N 93  
DG  HOP3   H  N N 94  
DG  HOP2   H  N N 95  
DG  "H5'"  H  N N 96  
DG  "H5''" H  N N 97  
DG  "H4'"  H  N N 98  
DG  "H3'"  H  N N 99  
DG  "HO3'" H  N N 100 
DG  "H2'"  H  N N 101 
DG  "H2''" H  N N 102 
DG  "H1'"  H  N N 103 
DG  H8     H  N N 104 
DG  H1     H  N N 105 
DG  H21    H  N N 106 
DG  H22    H  N N 107 
DT  OP3    O  N N 108 
DT  P      P  N N 109 
DT  OP1    O  N N 110 
DT  OP2    O  N N 111 
DT  "O5'"  O  N N 112 
DT  "C5'"  C  N N 113 
DT  "C4'"  C  N R 114 
DT  "O4'"  O  N N 115 
DT  "C3'"  C  N S 116 
DT  "O3'"  O  N N 117 
DT  "C2'"  C  N N 118 
DT  "C1'"  C  N R 119 
DT  N1     N  N N 120 
DT  C2     C  N N 121 
DT  O2     O  N N 122 
DT  N3     N  N N 123 
DT  C4     C  N N 124 
DT  O4     O  N N 125 
DT  C5     C  N N 126 
DT  C7     C  N N 127 
DT  C6     C  N N 128 
DT  HOP3   H  N N 129 
DT  HOP2   H  N N 130 
DT  "H5'"  H  N N 131 
DT  "H5''" H  N N 132 
DT  "H4'"  H  N N 133 
DT  "H3'"  H  N N 134 
DT  "HO3'" H  N N 135 
DT  "H2'"  H  N N 136 
DT  "H2''" H  N N 137 
DT  "H1'"  H  N N 138 
DT  H3     H  N N 139 
DT  H71    H  N N 140 
DT  H72    H  N N 141 
DT  H73    H  N N 142 
DT  H6     H  N N 143 
HOH O      O  N N 144 
HOH H1     H  N N 145 
HOH H2     H  N N 146 
M1B C1     C  Y N 147 
M1B C2     C  Y N 148 
M1B C3     C  Y N 149 
M1B C4     C  Y N 150 
M1B C5     C  Y N 151 
M1B C6     C  Y N 152 
M1B C7     C  Y N 153 
M1B C8     C  Y N 154 
M1B C9     C  Y N 155 
M1B C10    C  Y N 156 
M1B C11    C  Y N 157 
M1B C12    C  Y N 158 
M1B C13    C  Y N 159 
M1B C14    C  N N 160 
M1B N15    N  N N 161 
M1B N16    N  N N 162 
M1B N17    N  Y N 163 
M1B C18    C  Y N 164 
M1B C19    C  Y N 165 
M1B N20    N  Y N 166 
M1B C21    C  Y N 167 
M1B C22    C  Y N 168 
M1B C23    C  Y N 169 
M1B C24    C  Y N 170 
M1B C25    C  N N 171 
M1B N26    N  N N 172 
M1B N27    N  N N 173 
M1B H1     H  N N 174 
M1B H2     H  N N 175 
M1B H3     H  N N 176 
M1B H5     H  N N 177 
M1B H8     H  N N 178 
M1B H9     H  N N 179 
M1B H11    H  N N 180 
M1B H12    H  N N 181 
M1B HN15   H  N N 182 
M1B H161   H  N N 183 
M1B H162   H  N N 184 
M1B HN17   H  N N 185 
M1B H21    H  N N 186 
M1B H22    H  N N 187 
M1B H23    H  N N 188 
M1B H261   H  N N 189 
M1B H262   H  N N 190 
M1B HN27   H  N N 191 
MG  MG     MG N N 192 
# 
loop_
_chem_comp_bond.comp_id 
_chem_comp_bond.atom_id_1 
_chem_comp_bond.atom_id_2 
_chem_comp_bond.value_order 
_chem_comp_bond.pdbx_aromatic_flag 
_chem_comp_bond.pdbx_stereo_config 
_chem_comp_bond.pdbx_ordinal 
DA  OP3   P      sing N N 1   
DA  OP3   HOP3   sing N N 2   
DA  P     OP1    doub N N 3   
DA  P     OP2    sing N N 4   
DA  P     "O5'"  sing N N 5   
DA  OP2   HOP2   sing N N 6   
DA  "O5'" "C5'"  sing N N 7   
DA  "C5'" "C4'"  sing N N 8   
DA  "C5'" "H5'"  sing N N 9   
DA  "C5'" "H5''" sing N N 10  
DA  "C4'" "O4'"  sing N N 11  
DA  "C4'" "C3'"  sing N N 12  
DA  "C4'" "H4'"  sing N N 13  
DA  "O4'" "C1'"  sing N N 14  
DA  "C3'" "O3'"  sing N N 15  
DA  "C3'" "C2'"  sing N N 16  
DA  "C3'" "H3'"  sing N N 17  
DA  "O3'" "HO3'" sing N N 18  
DA  "C2'" "C1'"  sing N N 19  
DA  "C2'" "H2'"  sing N N 20  
DA  "C2'" "H2''" sing N N 21  
DA  "C1'" N9     sing N N 22  
DA  "C1'" "H1'"  sing N N 23  
DA  N9    C8     sing Y N 24  
DA  N9    C4     sing Y N 25  
DA  C8    N7     doub Y N 26  
DA  C8    H8     sing N N 27  
DA  N7    C5     sing Y N 28  
DA  C5    C6     sing Y N 29  
DA  C5    C4     doub Y N 30  
DA  C6    N6     sing N N 31  
DA  C6    N1     doub Y N 32  
DA  N6    H61    sing N N 33  
DA  N6    H62    sing N N 34  
DA  N1    C2     sing Y N 35  
DA  C2    N3     doub Y N 36  
DA  C2    H2     sing N N 37  
DA  N3    C4     sing Y N 38  
DC  OP3   P      sing N N 39  
DC  OP3   HOP3   sing N N 40  
DC  P     OP1    doub N N 41  
DC  P     OP2    sing N N 42  
DC  P     "O5'"  sing N N 43  
DC  OP2   HOP2   sing N N 44  
DC  "O5'" "C5'"  sing N N 45  
DC  "C5'" "C4'"  sing N N 46  
DC  "C5'" "H5'"  sing N N 47  
DC  "C5'" "H5''" sing N N 48  
DC  "C4'" "O4'"  sing N N 49  
DC  "C4'" "C3'"  sing N N 50  
DC  "C4'" "H4'"  sing N N 51  
DC  "O4'" "C1'"  sing N N 52  
DC  "C3'" "O3'"  sing N N 53  
DC  "C3'" "C2'"  sing N N 54  
DC  "C3'" "H3'"  sing N N 55  
DC  "O3'" "HO3'" sing N N 56  
DC  "C2'" "C1'"  sing N N 57  
DC  "C2'" "H2'"  sing N N 58  
DC  "C2'" "H2''" sing N N 59  
DC  "C1'" N1     sing N N 60  
DC  "C1'" "H1'"  sing N N 61  
DC  N1    C2     sing N N 62  
DC  N1    C6     sing N N 63  
DC  C2    O2     doub N N 64  
DC  C2    N3     sing N N 65  
DC  N3    C4     doub N N 66  
DC  C4    N4     sing N N 67  
DC  C4    C5     sing N N 68  
DC  N4    H41    sing N N 69  
DC  N4    H42    sing N N 70  
DC  C5    C6     doub N N 71  
DC  C5    H5     sing N N 72  
DC  C6    H6     sing N N 73  
DG  OP3   P      sing N N 74  
DG  OP3   HOP3   sing N N 75  
DG  P     OP1    doub N N 76  
DG  P     OP2    sing N N 77  
DG  P     "O5'"  sing N N 78  
DG  OP2   HOP2   sing N N 79  
DG  "O5'" "C5'"  sing N N 80  
DG  "C5'" "C4'"  sing N N 81  
DG  "C5'" "H5'"  sing N N 82  
DG  "C5'" "H5''" sing N N 83  
DG  "C4'" "O4'"  sing N N 84  
DG  "C4'" "C3'"  sing N N 85  
DG  "C4'" "H4'"  sing N N 86  
DG  "O4'" "C1'"  sing N N 87  
DG  "C3'" "O3'"  sing N N 88  
DG  "C3'" "C2'"  sing N N 89  
DG  "C3'" "H3'"  sing N N 90  
DG  "O3'" "HO3'" sing N N 91  
DG  "C2'" "C1'"  sing N N 92  
DG  "C2'" "H2'"  sing N N 93  
DG  "C2'" "H2''" sing N N 94  
DG  "C1'" N9     sing N N 95  
DG  "C1'" "H1'"  sing N N 96  
DG  N9    C8     sing Y N 97  
DG  N9    C4     sing Y N 98  
DG  C8    N7     doub Y N 99  
DG  C8    H8     sing N N 100 
DG  N7    C5     sing Y N 101 
DG  C5    C6     sing N N 102 
DG  C5    C4     doub Y N 103 
DG  C6    O6     doub N N 104 
DG  C6    N1     sing N N 105 
DG  N1    C2     sing N N 106 
DG  N1    H1     sing N N 107 
DG  C2    N2     sing N N 108 
DG  C2    N3     doub N N 109 
DG  N2    H21    sing N N 110 
DG  N2    H22    sing N N 111 
DG  N3    C4     sing N N 112 
DT  OP3   P      sing N N 113 
DT  OP3   HOP3   sing N N 114 
DT  P     OP1    doub N N 115 
DT  P     OP2    sing N N 116 
DT  P     "O5'"  sing N N 117 
DT  OP2   HOP2   sing N N 118 
DT  "O5'" "C5'"  sing N N 119 
DT  "C5'" "C4'"  sing N N 120 
DT  "C5'" "H5'"  sing N N 121 
DT  "C5'" "H5''" sing N N 122 
DT  "C4'" "O4'"  sing N N 123 
DT  "C4'" "C3'"  sing N N 124 
DT  "C4'" "H4'"  sing N N 125 
DT  "O4'" "C1'"  sing N N 126 
DT  "C3'" "O3'"  sing N N 127 
DT  "C3'" "C2'"  sing N N 128 
DT  "C3'" "H3'"  sing N N 129 
DT  "O3'" "HO3'" sing N N 130 
DT  "C2'" "C1'"  sing N N 131 
DT  "C2'" "H2'"  sing N N 132 
DT  "C2'" "H2''" sing N N 133 
DT  "C1'" N1     sing N N 134 
DT  "C1'" "H1'"  sing N N 135 
DT  N1    C2     sing N N 136 
DT  N1    C6     sing N N 137 
DT  C2    O2     doub N N 138 
DT  C2    N3     sing N N 139 
DT  N3    C4     sing N N 140 
DT  N3    H3     sing N N 141 
DT  C4    O4     doub N N 142 
DT  C4    C5     sing N N 143 
DT  C5    C7     sing N N 144 
DT  C5    C6     doub N N 145 
DT  C7    H71    sing N N 146 
DT  C7    H72    sing N N 147 
DT  C7    H73    sing N N 148 
DT  C6    H6     sing N N 149 
HOH O     H1     sing N N 150 
HOH O     H2     sing N N 151 
M1B C1    C2     doub Y N 152 
M1B C1    C6     sing Y N 153 
M1B C1    H1     sing N N 154 
M1B C2    C3     sing Y N 155 
M1B C2    H2     sing N N 156 
M1B C3    C4     doub Y N 157 
M1B C3    H3     sing N N 158 
M1B C4    C7     sing Y N 159 
M1B C4    C5     sing Y N 160 
M1B C5    C6     doub Y N 161 
M1B C5    H5     sing N N 162 
M1B C6    C14    sing N N 163 
M1B C7    C8     doub Y N 164 
M1B C7    C12    sing Y N 165 
M1B C8    C9     sing Y N 166 
M1B C8    H8     sing N N 167 
M1B C9    C10    doub Y N 168 
M1B C9    H9     sing N N 169 
M1B C10   C13    sing Y N 170 
M1B C10   C11    sing Y N 171 
M1B C11   C12    doub Y N 172 
M1B C11   H11    sing N N 173 
M1B C12   H12    sing N N 174 
M1B C13   N20    doub Y N 175 
M1B C13   N17    sing Y N 176 
M1B C14   N16    sing N N 177 
M1B C14   N15    doub N E 178 
M1B N15   HN15   sing N N 179 
M1B N16   H161   sing N N 180 
M1B N16   H162   sing N N 181 
M1B N17   C18    sing Y N 182 
M1B N17   HN17   sing N N 183 
M1B C18   C22    doub Y N 184 
M1B C18   C19    sing Y N 185 
M1B C19   C21    doub Y N 186 
M1B C19   N20    sing Y N 187 
M1B C21   C24    sing Y N 188 
M1B C21   H21    sing N N 189 
M1B C22   C23    sing Y N 190 
M1B C22   H22    sing N N 191 
M1B C23   C24    doub Y N 192 
M1B C23   H23    sing N N 193 
M1B C24   C25    sing N N 194 
M1B C25   N26    sing N N 195 
M1B C25   N27    doub N E 196 
M1B N26   H261   sing N N 197 
M1B N26   H262   sing N N 198 
M1B N27   HN27   sing N N 199 
# 
_ndb_struct_conf_na.entry_id   2I5A 
_ndb_struct_conf_na.feature    'b-form double helix' 
# 
loop_
_ndb_struct_na_base_pair.model_number 
_ndb_struct_na_base_pair.i_label_asym_id 
_ndb_struct_na_base_pair.i_label_comp_id 
_ndb_struct_na_base_pair.i_label_seq_id 
_ndb_struct_na_base_pair.i_symmetry 
_ndb_struct_na_base_pair.j_label_asym_id 
_ndb_struct_na_base_pair.j_label_comp_id 
_ndb_struct_na_base_pair.j_label_seq_id 
_ndb_struct_na_base_pair.j_symmetry 
_ndb_struct_na_base_pair.shear 
_ndb_struct_na_base_pair.stretch 
_ndb_struct_na_base_pair.stagger 
_ndb_struct_na_base_pair.buckle 
_ndb_struct_na_base_pair.propeller 
_ndb_struct_na_base_pair.opening 
_ndb_struct_na_base_pair.pair_number 
_ndb_struct_na_base_pair.pair_name 
_ndb_struct_na_base_pair.i_auth_asym_id 
_ndb_struct_na_base_pair.i_auth_seq_id 
_ndb_struct_na_base_pair.i_PDB_ins_code 
_ndb_struct_na_base_pair.j_auth_asym_id 
_ndb_struct_na_base_pair.j_auth_seq_id 
_ndb_struct_na_base_pair.j_PDB_ins_code 
_ndb_struct_na_base_pair.hbond_type_28 
_ndb_struct_na_base_pair.hbond_type_12 
1 A DC 1  1_555 B DG 12 1_555 0.225  -0.235 0.034  1.060  -18.298 -0.329 1  A_DC1:DG24_B  A 1  ? B 24 ? 19 1 
1 A DG 2  1_555 B DC 11 1_555 -0.210 -0.216 0.356  5.453  -7.750  -4.064 2  A_DG2:DC23_B  A 2  ? B 23 ? 19 1 
1 A DC 3  1_555 B DG 10 1_555 0.283  -0.140 0.245  -4.375 -6.990  1.345  3  A_DC3:DG22_B  A 3  ? B 22 ? 19 1 
1 A DG 4  1_555 B DC 9  1_555 -0.372 -0.071 -0.001 10.959 -11.853 -1.219 4  A_DG4:DC21_B  A 4  ? B 21 ? 19 1 
1 A DA 5  1_555 B DT 8  1_555 0.024  -0.065 0.018  12.515 -20.163 2.598  5  A_DA5:DT20_B  A 5  ? B 20 ? 20 1 
1 A DA 6  1_555 B DT 7  1_555 0.141  -0.200 -0.108 1.425  -21.553 7.320  6  A_DA6:DT19_B  A 6  ? B 19 ? 20 1 
1 A DT 7  1_555 B DA 6  1_555 -0.022 -0.196 0.009  -0.958 -24.427 6.026  7  A_DT7:DA18_B  A 7  ? B 18 ? 20 1 
1 A DT 8  1_555 B DA 5  1_555 -0.191 -0.224 -0.066 -5.361 -17.127 3.788  8  A_DT8:DA17_B  A 8  ? B 17 ? 20 1 
1 A DC 9  1_555 B DG 4  1_555 0.256  -0.148 -0.099 -9.886 -13.420 0.953  9  A_DC9:DG16_B  A 9  ? B 16 ? 19 1 
1 A DG 10 1_555 B DC 3  1_555 -0.210 -0.155 0.112  9.400  -3.974  -0.119 10 A_DG10:DC15_B A 10 ? B 15 ? 19 1 
1 A DC 11 1_555 B DG 2  1_555 0.108  -0.206 0.253  13.226 -25.523 -6.903 11 A_DC11:DG14_B A 11 ? B 14 ? 19 1 
1 A DG 12 1_555 B DC 1  1_555 -0.407 -0.094 -0.152 6.374  17.410  -1.988 12 A_DG12:DC13_B A 12 ? B 13 ? 19 1 
# 
loop_
_ndb_struct_na_base_pair_step.model_number 
_ndb_struct_na_base_pair_step.i_label_asym_id_1 
_ndb_struct_na_base_pair_step.i_label_comp_id_1 
_ndb_struct_na_base_pair_step.i_label_seq_id_1 
_ndb_struct_na_base_pair_step.i_symmetry_1 
_ndb_struct_na_base_pair_step.j_label_asym_id_1 
_ndb_struct_na_base_pair_step.j_label_comp_id_1 
_ndb_struct_na_base_pair_step.j_label_seq_id_1 
_ndb_struct_na_base_pair_step.j_symmetry_1 
_ndb_struct_na_base_pair_step.i_label_asym_id_2 
_ndb_struct_na_base_pair_step.i_label_comp_id_2 
_ndb_struct_na_base_pair_step.i_label_seq_id_2 
_ndb_struct_na_base_pair_step.i_symmetry_2 
_ndb_struct_na_base_pair_step.j_label_asym_id_2 
_ndb_struct_na_base_pair_step.j_label_comp_id_2 
_ndb_struct_na_base_pair_step.j_label_seq_id_2 
_ndb_struct_na_base_pair_step.j_symmetry_2 
_ndb_struct_na_base_pair_step.shift 
_ndb_struct_na_base_pair_step.slide 
_ndb_struct_na_base_pair_step.rise 
_ndb_struct_na_base_pair_step.tilt 
_ndb_struct_na_base_pair_step.roll 
_ndb_struct_na_base_pair_step.twist 
_ndb_struct_na_base_pair_step.x_displacement 
_ndb_struct_na_base_pair_step.y_displacement 
_ndb_struct_na_base_pair_step.helical_rise 
_ndb_struct_na_base_pair_step.inclination 
_ndb_struct_na_base_pair_step.tip 
_ndb_struct_na_base_pair_step.helical_twist 
_ndb_struct_na_base_pair_step.step_number 
_ndb_struct_na_base_pair_step.step_name 
_ndb_struct_na_base_pair_step.i_auth_asym_id_1 
_ndb_struct_na_base_pair_step.i_auth_seq_id_1 
_ndb_struct_na_base_pair_step.i_PDB_ins_code_1 
_ndb_struct_na_base_pair_step.j_auth_asym_id_1 
_ndb_struct_na_base_pair_step.j_auth_seq_id_1 
_ndb_struct_na_base_pair_step.j_PDB_ins_code_1 
_ndb_struct_na_base_pair_step.i_auth_asym_id_2 
_ndb_struct_na_base_pair_step.i_auth_seq_id_2 
_ndb_struct_na_base_pair_step.i_PDB_ins_code_2 
_ndb_struct_na_base_pair_step.j_auth_asym_id_2 
_ndb_struct_na_base_pair_step.j_auth_seq_id_2 
_ndb_struct_na_base_pair_step.j_PDB_ins_code_2 
1 A DC 1  1_555 B DG 12 1_555 A DG 2  1_555 B DC 11 1_555 -0.359 0.091  3.277 -2.663 7.354   32.087 -1.101 0.176  3.237 13.063  
4.730  33.002 1  AA_DC1DG2:DC23DG24_BB   A 1  ? B 24 ? A 2  ? B 23 ? 
1 A DG 2  1_555 B DC 11 1_555 A DC 3  1_555 B DG 10 1_555 0.807  0.587  3.534 2.319  -2.124  42.344 1.044  -0.860 3.539 -2.936  
-3.206 42.455 2  AA_DG2DC3:DG22DC23_BB   A 2  ? B 23 ? A 3  ? B 22 ? 
1 A DC 3  1_555 B DG 10 1_555 A DG 4  1_555 B DC 9  1_555 -0.546 0.738  3.079 3.052  9.527   26.384 -0.649 1.815  3.073 19.983  
-6.402 28.186 3  AA_DC3DG4:DC21DG22_BB   A 3  ? B 22 ? A 4  ? B 21 ? 
1 A DG 4  1_555 B DC 9  1_555 A DA 5  1_555 B DT 8  1_555 0.150  0.190  3.233 -0.067 2.529   38.090 -0.025 -0.238 3.238 3.870   
0.102  38.171 4  AA_DG4DA5:DT20DC21_BB   A 4  ? B 21 ? A 5  ? B 20 ? 
1 A DA 5  1_555 B DT 8  1_555 A DA 6  1_555 B DT 7  1_555 0.306  -0.248 3.468 1.062  5.717   36.255 -1.220 -0.333 3.399 9.114   
-1.694 36.703 5  AA_DA5DA6:DT19DT20_BB   A 5  ? B 20 ? A 6  ? B 19 ? 
1 A DA 6  1_555 B DT 7  1_555 A DT 7  1_555 B DA 6  1_555 -0.006 -0.620 3.245 -1.875 0.332   32.032 -1.181 -0.322 3.234 0.600   
3.395  32.087 6  AA_DA6DT7:DA18DT19_BB   A 6  ? B 19 ? A 7  ? B 18 ? 
1 A DT 7  1_555 B DA 6  1_555 A DT 8  1_555 B DA 5  1_555 -0.328 -0.259 3.306 2.420  -0.227  33.841 -0.408 0.953  3.277 -0.389  
-4.151 33.925 7  AA_DT7DT8:DA17DA18_BB   A 7  ? B 18 ? A 8  ? B 17 ? 
1 A DT 8  1_555 B DA 5  1_555 A DC 9  1_555 B DG 4  1_555 0.097  0.372  3.366 1.835  0.491   41.345 0.473  0.065  3.371 0.696   
-2.597 41.387 8  AA_DT8DC9:DG16DA17_BB   A 8  ? B 17 ? A 9  ? B 16 ? 
1 A DC 9  1_555 B DG 4  1_555 A DG 10 1_555 B DC 3  1_555 0.331  1.317  3.095 -2.874 7.124   26.103 1.022  -1.422 3.278 15.354  
6.194  27.191 9  AA_DC9DG10:DC15DG16_BB  A 9  ? B 16 ? A 10 ? B 15 ? 
1 A DG 10 1_555 B DC 3  1_555 A DC 11 1_555 B DG 2  1_555 -1.057 0.997  3.415 -3.392 -13.679 43.543 2.499  1.061  3.055 -17.889 
4.436  45.661 10 AA_DG10DC11:DG14DC15_BB A 10 ? B 15 ? A 11 ? B 14 ? 
1 A DC 11 1_555 B DG 2  1_555 A DG 12 1_555 B DC 1  1_555 1.544  0.625  3.697 5.060  -9.537  35.341 2.458  -1.659 3.594 -15.275 
-8.104 36.903 11 AA_DC11DG12:DC13DG14_BB A 11 ? B 14 ? A 12 ? B 13 ? 
# 
loop_
_pdbx_entity_nonpoly.entity_id 
_pdbx_entity_nonpoly.name 
_pdbx_entity_nonpoly.comp_id 
2 'MAGNESIUM ION'                                                               MG  
3 "2-{3'-[AMINO(IMINO)METHYL]BIPHENYL-4-YL}-1H-BENZIMIDAZOLE-5-CARBOXIMIDAMIDE" M1B 
4 water                                                                         HOH 
# 
_pdbx_initial_refinement_model.id               1 
_pdbx_initial_refinement_model.entity_id_list   ? 
_pdbx_initial_refinement_model.type             'experimental model' 
_pdbx_initial_refinement_model.source_name      PDB 
_pdbx_initial_refinement_model.accession_code   2DBE 
_pdbx_initial_refinement_model.details          'PDB ENTRY 2DBE' 
# 
